data_5G5N
#
_entry.id   5G5N
#
_cell.length_a   149.259
_cell.length_b   149.259
_cell.length_c   108.689
_cell.angle_alpha   90.00
_cell.angle_beta   90.00
_cell.angle_gamma   90.00
#
_symmetry.space_group_name_H-M   'I 4'
#
loop_
_entity.id
_entity.type
_entity.pdbx_description
1 polymer 'LH3 HEXON-INTERLACING CAPSID PROTEIN'
2 non-polymer GLYCEROL
3 non-polymer 'METHYL MERCURY ION'
4 non-polymer 'CHLORIDE ION'
5 water water
#
_entity_poly.entity_id   1
_entity_poly.type   'polypeptide(L)'
_entity_poly.pdbx_seq_one_letter_code
;GLPVPSPPGTLLPGQSPDEAFARNSVVFLVPGAEYNWKNVVIRKPVWIYGNGATVKTSGLGPIIHIMGDLDNPMDVRIQD
LTFIGGDSPDRLVPFSAVLTNQMALWCIDPRITIRGCSFYNFGGAAIYLERSERDTGFRFGRGQVMITDCRFRGCRIGIA
NGGSVEYGLASQNNFSDCQICFNVVGGNWTRSGNVASNCRCMYLHTQGMWYEGAAGNFNPAHGSFTSNTLNHCDYGGNLW
PTEFQLPDRVINLAGFYFDNAAARLPNFSGNSQWYGDMKLINFLPDSTFVINGGALYGGPGDTGVIAVATALAAKVFVIG
CQGNAGQQIVNVPAANIIPEVGTRKDDATQPAA
;
_entity_poly.pdbx_strand_id   A,B,C
#
loop_
_chem_comp.id
_chem_comp.type
_chem_comp.name
_chem_comp.formula
CL non-polymer 'CHLORIDE ION' 'Cl -1'
GOL non-polymer GLYCEROL 'C3 H8 O3'
MMC non-polymer 'METHYL MERCURY ION' 'C H3 Hg 1'
#
# COMPACT_ATOMS: atom_id res chain seq x y z
N GLY A 9 -14.61 13.41 -27.12
CA GLY A 9 -13.70 13.26 -25.98
C GLY A 9 -12.23 13.63 -26.13
N THR A 10 -11.76 14.14 -27.27
CA THR A 10 -10.34 14.50 -27.39
C THR A 10 -10.18 16.03 -27.25
N LEU A 11 -9.16 16.44 -26.52
CA LEU A 11 -8.87 17.83 -26.29
C LEU A 11 -7.46 18.03 -26.83
N LEU A 12 -7.33 18.91 -27.83
CA LEU A 12 -6.04 19.19 -28.46
C LEU A 12 -5.37 20.38 -27.81
N PRO A 13 -4.02 20.47 -27.89
CA PRO A 13 -3.34 21.68 -27.41
C PRO A 13 -3.87 22.92 -28.11
N GLY A 14 -4.02 24.01 -27.37
CA GLY A 14 -4.54 25.25 -27.95
C GLY A 14 -6.05 25.37 -27.95
N GLN A 15 -6.79 24.25 -27.87
CA GLN A 15 -8.24 24.34 -27.68
C GLN A 15 -8.59 24.75 -26.27
N SER A 16 -9.83 25.15 -26.07
CA SER A 16 -10.31 25.61 -24.78
C SER A 16 -10.58 24.42 -23.87
N PRO A 17 -9.82 24.31 -22.75
CA PRO A 17 -10.09 23.20 -21.79
C PRO A 17 -11.45 23.31 -21.12
N ASP A 18 -11.81 24.53 -20.75
CA ASP A 18 -13.09 24.77 -20.08
C ASP A 18 -14.26 24.23 -20.89
N GLU A 19 -14.25 24.50 -22.20
CA GLU A 19 -15.34 24.06 -23.06
C GLU A 19 -15.32 22.54 -23.19
N ALA A 20 -14.14 21.97 -23.35
CA ALA A 20 -14.01 20.51 -23.46
C ALA A 20 -14.52 19.80 -22.20
N PHE A 21 -14.15 20.33 -21.02
CA PHE A 21 -14.59 19.75 -19.75
C PHE A 21 -16.08 19.91 -19.52
N ALA A 22 -16.64 21.06 -19.89
CA ALA A 22 -18.08 21.31 -19.72
C ALA A 22 -18.97 20.46 -20.67
N ARG A 23 -18.43 20.09 -21.83
CA ARG A 23 -19.18 19.29 -22.84
C ARG A 23 -19.01 17.76 -22.78
N ASN A 24 -17.99 17.26 -22.07
CA ASN A 24 -17.67 15.82 -22.02
C ASN A 24 -17.63 15.29 -20.62
N SER A 25 -18.09 14.07 -20.43
CA SER A 25 -17.90 13.37 -19.16
C SER A 25 -16.44 12.77 -19.06
N VAL A 26 -15.83 12.43 -20.21
CA VAL A 26 -14.48 11.90 -20.25
C VAL A 26 -13.69 12.53 -21.40
N VAL A 27 -12.44 12.90 -21.12
CA VAL A 27 -11.59 13.60 -22.07
C VAL A 27 -10.22 12.94 -22.13
N PHE A 28 -9.74 12.73 -23.35
CA PHE A 28 -8.44 12.12 -23.63
C PHE A 28 -7.54 13.17 -24.21
N LEU A 29 -6.35 13.31 -23.66
CA LEU A 29 -5.39 14.25 -24.21
C LEU A 29 -4.55 13.58 -25.25
N VAL A 30 -3.85 14.40 -26.02
CA VAL A 30 -3.00 13.90 -27.09
C VAL A 30 -1.76 13.31 -26.43
N PRO A 31 -1.49 12.02 -26.71
CA PRO A 31 -0.40 11.35 -25.99
C PRO A 31 0.92 12.07 -26.11
N GLY A 32 1.53 12.40 -24.99
CA GLY A 32 2.83 13.04 -24.97
C GLY A 32 2.85 14.50 -25.39
N ALA A 33 1.69 15.09 -25.70
CA ALA A 33 1.66 16.49 -26.13
C ALA A 33 1.91 17.48 -24.99
N GLU A 34 2.26 18.71 -25.35
CA GLU A 34 2.47 19.79 -24.39
C GLU A 34 1.30 20.76 -24.44
N TYR A 35 0.59 20.90 -23.33
CA TYR A 35 -0.50 21.85 -23.18
C TYR A 35 -0.04 23.03 -22.34
N ASN A 36 -0.79 24.13 -22.40
CA ASN A 36 -0.47 25.36 -21.68
C ASN A 36 -1.76 25.93 -21.14
N TRP A 37 -1.99 25.77 -19.85
CA TRP A 37 -3.26 26.09 -19.24
C TRP A 37 -3.08 26.98 -18.03
N LYS A 38 -4.12 27.77 -17.75
CA LYS A 38 -4.10 28.74 -16.67
C LYS A 38 -5.52 29.00 -16.22
N ASN A 39 -5.78 28.85 -14.94
CA ASN A 39 -7.09 29.10 -14.37
C ASN A 39 -8.23 28.44 -15.14
N VAL A 40 -8.03 27.18 -15.50
CA VAL A 40 -9.09 26.38 -16.11
C VAL A 40 -10.09 26.10 -15.02
N VAL A 41 -11.36 26.05 -15.37
CA VAL A 41 -12.41 25.80 -14.40
C VAL A 41 -13.17 24.55 -14.81
N ILE A 42 -13.33 23.63 -13.84
CA ILE A 42 -14.13 22.42 -13.98
C ILE A 42 -15.27 22.57 -12.99
N ARG A 43 -16.51 22.47 -13.47
CA ARG A 43 -17.73 22.66 -12.65
C ARG A 43 -18.58 21.43 -12.54
N LYS A 44 -18.21 20.37 -13.24
CA LYS A 44 -18.95 19.11 -13.24
C LYS A 44 -17.95 17.96 -13.28
N PRO A 45 -18.32 16.82 -12.70
CA PRO A 45 -17.38 15.69 -12.76
C PRO A 45 -16.92 15.40 -14.18
N VAL A 46 -15.63 15.16 -14.34
CA VAL A 46 -15.07 14.79 -15.61
C VAL A 46 -13.83 13.95 -15.33
N TRP A 47 -13.56 13.00 -16.22
CA TRP A 47 -12.36 12.21 -16.13
C TRP A 47 -11.42 12.66 -17.21
N ILE A 48 -10.15 12.81 -16.86
CA ILE A 48 -9.14 13.18 -17.77
C ILE A 48 -8.10 12.05 -17.84
N TYR A 49 -7.96 11.46 -19.01
CA TYR A 49 -6.89 10.55 -19.31
C TYR A 49 -5.77 11.32 -19.95
N GLY A 50 -4.71 11.54 -19.19
CA GLY A 50 -3.65 12.44 -19.59
C GLY A 50 -2.72 11.86 -20.61
N ASN A 51 -2.62 10.52 -20.66
CA ASN A 51 -1.87 9.85 -21.72
C ASN A 51 -0.42 10.31 -21.84
N GLY A 52 0.19 10.69 -20.73
CA GLY A 52 1.58 11.11 -20.76
C GLY A 52 1.81 12.53 -21.23
N ALA A 53 0.74 13.28 -21.43
CA ALA A 53 0.87 14.71 -21.77
C ALA A 53 1.47 15.54 -20.62
N THR A 54 1.85 16.77 -20.94
CA THR A 54 2.44 17.72 -20.00
C THR A 54 1.63 19.01 -20.04
N VAL A 55 1.40 19.61 -18.89
CA VAL A 55 0.67 20.88 -18.80
C VAL A 55 1.63 21.88 -18.17
N LYS A 56 1.97 22.91 -18.94
CA LYS A 56 2.70 24.06 -18.43
C LYS A 56 1.73 25.18 -18.17
N THR A 57 2.22 26.25 -17.56
CA THR A 57 1.36 27.38 -17.19
C THR A 57 2.16 28.69 -17.10
N SER A 58 1.49 29.77 -16.78
CA SER A 58 2.16 31.06 -16.49
C SER A 58 1.30 31.86 -15.55
N GLY A 59 1.90 32.90 -14.98
CA GLY A 59 1.15 33.86 -14.15
C GLY A 59 0.73 33.27 -12.82
N LEU A 60 -0.46 33.67 -12.35
CA LEU A 60 -0.99 33.20 -11.11
C LEU A 60 -1.85 31.97 -11.30
N GLY A 61 -1.58 30.93 -10.51
CA GLY A 61 -2.29 29.66 -10.61
C GLY A 61 -3.64 29.85 -9.98
N PRO A 62 -4.39 28.78 -9.80
CA PRO A 62 -4.02 27.42 -10.16
C PRO A 62 -4.08 27.17 -11.67
N ILE A 63 -3.43 26.11 -12.11
CA ILE A 63 -3.64 25.59 -13.44
C ILE A 63 -5.09 25.17 -13.61
N ILE A 64 -5.67 24.47 -12.63
CA ILE A 64 -7.09 24.05 -12.68
C ILE A 64 -7.79 24.37 -11.37
N HIS A 65 -8.98 24.99 -11.46
CA HIS A 65 -9.92 25.18 -10.32
C HIS A 65 -10.98 24.08 -10.46
N ILE A 66 -11.27 23.32 -9.42
CA ILE A 66 -12.24 22.26 -9.52
C ILE A 66 -13.31 22.48 -8.48
N MET A 67 -14.51 22.79 -8.94
CA MET A 67 -15.63 23.09 -8.07
C MET A 67 -16.42 21.79 -7.94
N GLY A 68 -16.29 21.15 -6.79
CA GLY A 68 -16.87 19.84 -6.58
C GLY A 68 -18.33 19.93 -6.24
N ASP A 69 -19.04 18.84 -6.55
CA ASP A 69 -20.45 18.66 -6.22
C ASP A 69 -20.46 17.41 -5.35
N LEU A 70 -20.56 17.58 -4.04
CA LEU A 70 -20.59 16.41 -3.14
C LEU A 70 -21.85 15.56 -3.35
N ASP A 71 -22.93 16.20 -3.80
CA ASP A 71 -24.15 15.49 -4.20
C ASP A 71 -23.96 14.46 -5.33
N ASN A 72 -23.04 14.72 -6.25
CA ASN A 72 -22.91 13.92 -7.47
C ASN A 72 -22.05 12.67 -7.24
N PRO A 73 -22.57 11.47 -7.56
CA PRO A 73 -21.79 10.27 -7.30
C PRO A 73 -20.50 10.14 -8.15
N MET A 74 -20.45 10.70 -9.36
CA MET A 74 -19.25 10.60 -10.20
C MET A 74 -18.13 11.48 -9.62
N ASP A 75 -16.91 10.96 -9.68
CA ASP A 75 -15.72 11.70 -9.25
C ASP A 75 -15.06 12.41 -10.44
N VAL A 76 -14.33 13.47 -10.15
CA VAL A 76 -13.33 13.95 -11.03
C VAL A 76 -12.15 12.97 -10.92
N ARG A 77 -11.61 12.56 -12.05
CA ARG A 77 -10.48 11.68 -12.07
C ARG A 77 -9.47 12.25 -13.00
N ILE A 78 -8.22 12.32 -12.56
CA ILE A 78 -7.11 12.80 -13.39
C ILE A 78 -5.98 11.77 -13.32
N GLN A 79 -5.63 11.20 -14.46
CA GLN A 79 -4.63 10.16 -14.56
C GLN A 79 -3.55 10.50 -15.55
N ASP A 80 -2.30 10.15 -15.22
CA ASP A 80 -1.21 10.08 -16.19
C ASP A 80 -0.87 11.44 -16.83
N LEU A 81 -0.87 12.48 -16.03
CA LEU A 81 -0.68 13.84 -16.50
C LEU A 81 0.44 14.53 -15.70
N THR A 82 1.35 15.22 -16.37
CA THR A 82 2.44 15.91 -15.73
C THR A 82 2.11 17.41 -15.71
N PHE A 83 2.29 18.02 -14.53
CA PHE A 83 2.04 19.46 -14.34
C PHE A 83 3.34 20.14 -13.99
N ILE A 84 3.67 21.22 -14.70
CA ILE A 84 4.93 21.94 -14.51
C ILE A 84 4.59 23.36 -14.11
N GLY A 85 5.08 23.77 -12.95
CA GLY A 85 4.68 25.00 -12.33
C GLY A 85 5.66 26.11 -12.54
N GLY A 86 6.78 25.81 -13.19
CA GLY A 86 7.86 26.79 -13.35
C GLY A 86 9.16 26.06 -13.55
N ASP A 87 10.24 26.82 -13.51
CA ASP A 87 11.60 26.32 -13.61
C ASP A 87 12.01 25.92 -12.19
N SER A 88 13.17 25.27 -12.04
CA SER A 88 13.60 24.79 -10.72
C SER A 88 13.51 25.91 -9.68
N PRO A 89 13.10 25.56 -8.45
CA PRO A 89 12.55 26.56 -7.53
C PRO A 89 13.55 27.51 -6.90
N ASP A 90 13.04 28.64 -6.42
CA ASP A 90 13.84 29.60 -5.66
C ASP A 90 13.59 29.33 -4.19
N ARG A 91 14.47 28.53 -3.59
CA ARG A 91 14.20 27.98 -2.26
C ARG A 91 14.35 28.99 -1.12
N LEU A 92 15.05 30.11 -1.39
CA LEU A 92 15.33 31.15 -0.39
C LEU A 92 14.30 32.27 -0.35
N VAL A 93 13.37 32.29 -1.29
CA VAL A 93 12.31 33.28 -1.27
C VAL A 93 11.40 33.04 -0.06
N PRO A 94 11.04 34.11 0.67
CA PRO A 94 10.08 33.90 1.76
C PRO A 94 8.73 33.47 1.24
N PHE A 95 8.06 32.60 1.97
CA PHE A 95 6.73 32.19 1.55
C PHE A 95 5.77 33.28 2.01
N SER A 96 4.71 33.49 1.23
CA SER A 96 3.71 34.55 1.45
C SER A 96 2.39 34.17 0.83
N ALA A 97 1.36 34.92 1.20
CA ALA A 97 0.04 34.70 0.67
C ALA A 97 -0.01 34.68 -0.84
N VAL A 98 0.82 35.48 -1.49
CA VAL A 98 0.77 35.54 -2.93
C VAL A 98 1.20 34.22 -3.56
N LEU A 99 2.22 33.58 -3.00
CA LEU A 99 2.70 32.33 -3.51
C LEU A 99 1.73 31.16 -3.27
N THR A 100 0.78 31.29 -2.34
CA THR A 100 -0.23 30.26 -2.17
C THR A 100 -1.09 29.99 -3.40
N ASN A 101 -1.08 30.90 -4.38
CA ASN A 101 -1.81 30.68 -5.61
C ASN A 101 -1.08 29.78 -6.60
N GLN A 102 0.22 29.56 -6.41
CA GLN A 102 1.01 28.81 -7.36
C GLN A 102 0.83 27.27 -7.16
N MET A 103 -0.34 26.82 -7.59
CA MET A 103 -0.86 25.48 -7.46
C MET A 103 -1.09 24.87 -8.82
N ALA A 104 -1.11 23.54 -8.87
CA ALA A 104 -1.54 22.80 -10.04
C ALA A 104 -3.02 22.61 -9.92
N LEU A 105 -3.49 22.08 -8.79
CA LEU A 105 -4.91 21.81 -8.61
C LEU A 105 -5.41 22.42 -7.34
N TRP A 106 -6.48 23.19 -7.46
CA TRP A 106 -7.24 23.70 -6.35
C TRP A 106 -8.62 23.11 -6.48
N CYS A 107 -9.01 22.29 -5.50
CA CYS A 107 -10.28 21.62 -5.52
C CYS A 107 -11.07 22.02 -4.29
N ILE A 108 -12.34 22.35 -4.47
CA ILE A 108 -13.22 22.63 -3.34
C ILE A 108 -14.31 21.59 -3.35
N ASP A 109 -14.67 21.13 -2.16
CA ASP A 109 -15.64 20.08 -1.96
C ASP A 109 -15.32 18.89 -2.85
N PRO A 110 -14.07 18.37 -2.72
CA PRO A 110 -13.59 17.41 -3.69
C PRO A 110 -14.16 15.98 -3.57
N ARG A 111 -14.47 15.42 -4.72
CA ARG A 111 -14.64 13.98 -4.87
C ARG A 111 -13.71 13.70 -6.03
N ILE A 112 -12.49 13.30 -5.73
CA ILE A 112 -11.43 13.30 -6.74
C ILE A 112 -10.44 12.15 -6.57
N THR A 113 -9.96 11.67 -7.72
CA THR A 113 -8.95 10.68 -7.79
C THR A 113 -7.86 11.19 -8.65
N ILE A 114 -6.65 11.18 -8.12
CA ILE A 114 -5.47 11.64 -8.84
C ILE A 114 -4.47 10.49 -8.78
N ARG A 115 -4.15 9.92 -9.94
CA ARG A 115 -3.38 8.68 -10.05
C ARG A 115 -2.34 8.78 -11.14
N GLY A 116 -1.09 8.48 -10.82
CA GLY A 116 -0.02 8.45 -11.83
C GLY A 116 0.38 9.80 -12.40
N CYS A 117 0.17 10.87 -11.65
CA CYS A 117 0.47 12.23 -12.15
C CYS A 117 1.79 12.70 -11.54
N SER A 118 2.39 13.70 -12.13
CA SER A 118 3.64 14.27 -11.64
C SER A 118 3.49 15.80 -11.54
N PHE A 119 4.13 16.38 -10.53
CA PHE A 119 4.02 17.79 -10.20
C PHE A 119 5.42 18.32 -9.98
N TYR A 120 5.84 19.27 -10.82
CA TYR A 120 7.19 19.84 -10.78
C TYR A 120 7.14 21.34 -10.47
N ASN A 121 7.91 21.76 -9.49
CA ASN A 121 8.27 23.19 -9.27
C ASN A 121 7.10 24.14 -9.04
N PHE A 122 6.23 23.78 -8.14
CA PHE A 122 5.12 24.64 -7.78
C PHE A 122 5.54 25.51 -6.60
N GLY A 123 5.27 26.81 -6.71
CA GLY A 123 5.64 27.80 -5.71
C GLY A 123 4.77 27.72 -4.47
N GLY A 124 3.57 27.15 -4.61
CA GLY A 124 2.67 26.84 -3.48
C GLY A 124 2.51 25.32 -3.33
N ALA A 125 1.31 24.93 -2.96
CA ALA A 125 0.92 23.55 -2.88
C ALA A 125 0.63 23.05 -4.29
N ALA A 126 1.22 21.93 -4.67
CA ALA A 126 0.89 21.35 -5.97
C ALA A 126 -0.58 20.99 -6.03
N ILE A 127 -1.11 20.45 -4.93
CA ILE A 127 -2.51 20.09 -4.82
C ILE A 127 -3.06 20.66 -3.53
N TYR A 128 -4.19 21.36 -3.65
CA TYR A 128 -4.84 21.94 -2.51
C TYR A 128 -6.29 21.56 -2.53
N LEU A 129 -6.77 21.00 -1.42
CA LEU A 129 -8.13 20.54 -1.29
C LEU A 129 -8.75 21.30 -0.12
N GLU A 130 -9.94 21.86 -0.34
CA GLU A 130 -10.65 22.54 0.71
C GLU A 130 -12.12 22.22 0.70
N ARG A 131 -12.75 22.54 1.79
CA ARG A 131 -14.16 22.33 1.97
C ARG A 131 -14.80 23.73 2.13
N SER A 132 -15.92 23.97 1.45
CA SER A 132 -16.61 25.29 1.50
C SER A 132 -17.39 25.54 2.81
N GLU A 133 -17.49 24.53 3.68
CA GLU A 133 -18.34 24.57 4.88
C GLU A 133 -17.95 23.38 5.78
N ARG A 134 -17.95 23.54 7.10
CA ARG A 134 -17.71 22.38 8.03
C ARG A 134 -18.73 21.26 7.94
N ASP A 135 -18.27 20.02 8.07
CA ASP A 135 -19.16 18.90 8.36
C ASP A 135 -19.30 18.80 9.85
N GLY A 143 -17.53 12.49 0.13
CA GLY A 143 -16.51 12.98 -0.80
C GLY A 143 -15.15 12.33 -0.64
N GLN A 144 -14.95 11.22 -1.32
CA GLN A 144 -13.78 10.35 -1.15
C GLN A 144 -12.62 11.00 -1.95
N VAL A 145 -11.40 11.05 -1.39
CA VAL A 145 -10.21 11.55 -2.10
C VAL A 145 -9.15 10.47 -2.15
N MET A 146 -8.61 10.23 -3.34
CA MET A 146 -7.49 9.29 -3.52
C MET A 146 -6.36 9.95 -4.32
N ILE A 147 -5.16 10.01 -3.72
CA ILE A 147 -3.96 10.47 -4.43
C ILE A 147 -2.88 9.38 -4.32
N THR A 148 -2.60 8.69 -5.42
CA THR A 148 -1.69 7.53 -5.40
C THR A 148 -0.78 7.51 -6.60
N ASP A 149 0.41 6.92 -6.43
CA ASP A 149 1.39 6.77 -7.50
C ASP A 149 1.75 8.11 -8.17
N CYS A 150 1.74 9.23 -7.44
CA CYS A 150 2.17 10.51 -8.00
C CYS A 150 3.58 10.86 -7.60
N ARG A 151 4.21 11.71 -8.39
CA ARG A 151 5.55 12.22 -8.12
C ARG A 151 5.49 13.72 -7.88
N PHE A 152 6.26 14.19 -6.90
CA PHE A 152 6.33 15.61 -6.54
C PHE A 152 7.79 15.93 -6.43
N ARG A 153 8.21 16.96 -7.15
CA ARG A 153 9.59 17.31 -7.19
C ARG A 153 9.73 18.84 -7.30
N GLY A 154 10.56 19.45 -6.45
CA GLY A 154 10.76 20.88 -6.49
C GLY A 154 9.59 21.74 -6.01
N CYS A 155 8.61 21.17 -5.31
CA CYS A 155 7.44 21.93 -4.90
C CYS A 155 7.65 22.47 -3.49
N ARG A 156 7.04 23.61 -3.20
CA ARG A 156 7.09 24.19 -1.87
C ARG A 156 6.32 23.27 -0.92
N ILE A 157 5.10 22.97 -1.32
CA ILE A 157 4.23 22.05 -0.67
C ILE A 157 3.72 21.02 -1.69
N GLY A 158 3.66 19.74 -1.28
CA GLY A 158 3.11 18.68 -2.11
C GLY A 158 1.60 18.66 -2.11
N ILE A 159 1.05 18.27 -0.98
CA ILE A 159 -0.39 18.10 -0.84
C ILE A 159 -0.86 18.83 0.42
N ALA A 160 -1.81 19.73 0.23
CA ALA A 160 -2.39 20.51 1.31
C ALA A 160 -3.83 20.14 1.41
N ASN A 161 -4.24 19.57 2.53
CA ASN A 161 -5.64 19.26 2.70
C ASN A 161 -6.23 20.14 3.79
N GLY A 162 -7.22 20.94 3.40
CA GLY A 162 -7.84 21.87 4.34
C GLY A 162 -8.74 21.16 5.32
N GLY A 163 -9.25 21.91 6.26
CA GLY A 163 -10.14 21.39 7.26
C GLY A 163 -11.40 20.86 6.63
N SER A 164 -11.96 19.83 7.26
CA SER A 164 -13.08 19.04 6.76
C SER A 164 -12.89 18.34 5.40
N VAL A 165 -11.69 18.32 4.85
CA VAL A 165 -11.37 17.38 3.78
C VAL A 165 -10.76 16.17 4.51
N GLU A 166 -11.60 15.18 4.74
CA GLU A 166 -11.30 14.08 5.66
C GLU A 166 -11.31 12.73 4.96
N TYR A 167 -10.64 11.74 5.58
CA TYR A 167 -10.68 10.34 5.11
C TYR A 167 -10.13 10.15 3.70
N GLY A 168 -9.21 10.98 3.29
CA GLY A 168 -8.55 10.78 2.03
C GLY A 168 -7.45 9.74 2.20
N LEU A 169 -6.94 9.30 1.08
CA LEU A 169 -5.91 8.33 1.00
C LEU A 169 -4.80 8.93 0.15
N ALA A 170 -3.60 9.02 0.70
CA ALA A 170 -2.44 9.40 -0.08
C ALA A 170 -1.35 8.37 0.12
N SER A 171 -1.17 7.53 -0.89
CA SER A 171 -0.30 6.40 -0.77
C SER A 171 0.54 6.17 -2.00
N GLN A 172 1.72 5.56 -1.80
CA GLN A 172 2.61 5.18 -2.87
C GLN A 172 3.01 6.36 -3.75
N ASN A 173 3.16 7.52 -3.12
CA ASN A 173 3.67 8.71 -3.80
C ASN A 173 5.15 8.87 -3.48
N ASN A 174 5.83 9.63 -4.30
CA ASN A 174 7.23 9.88 -4.17
C ASN A 174 7.44 11.40 -4.14
N PHE A 175 8.12 11.87 -3.12
CA PHE A 175 8.43 13.28 -2.93
C PHE A 175 9.93 13.44 -2.89
N SER A 176 10.44 14.42 -3.61
CA SER A 176 11.83 14.78 -3.55
C SER A 176 12.01 16.28 -3.70
N ASP A 177 12.91 16.88 -2.93
CA ASP A 177 13.23 18.31 -3.06
C ASP A 177 11.97 19.15 -2.92
N CYS A 178 11.21 18.88 -1.87
CA CYS A 178 10.04 19.68 -1.53
C CYS A 178 10.29 20.21 -0.15
N GLN A 179 9.73 21.37 0.20
CA GLN A 179 9.92 21.87 1.56
C GLN A 179 9.02 21.12 2.54
N ILE A 180 7.74 21.03 2.19
CA ILE A 180 6.75 20.35 2.99
C ILE A 180 5.99 19.38 2.07
N CYS A 181 6.04 18.08 2.35
CA CYS A 181 5.31 17.09 1.53
C CYS A 181 3.81 17.16 1.80
N PHE A 182 3.44 17.00 3.06
CA PHE A 182 2.04 17.03 3.48
C PHE A 182 1.82 18.20 4.43
N ASN A 183 1.01 19.18 3.99
CA ASN A 183 0.53 20.29 4.79
C ASN A 183 -0.82 19.85 5.29
N VAL A 184 -0.85 19.39 6.54
CA VAL A 184 -1.98 18.68 7.09
C VAL A 184 -2.85 19.53 7.99
N VAL A 185 -4.12 19.67 7.59
CA VAL A 185 -5.12 20.25 8.42
C VAL A 185 -6.27 19.26 8.55
N GLY A 186 -6.98 18.98 7.48
CA GLY A 186 -8.10 18.04 7.56
C GLY A 186 -7.76 16.70 8.18
N GLY A 187 -8.71 16.14 8.94
CA GLY A 187 -8.45 14.94 9.74
C GLY A 187 -8.66 13.62 9.03
N ASN A 188 -8.12 12.54 9.62
CA ASN A 188 -8.47 11.14 9.30
C ASN A 188 -7.96 10.63 7.97
N TRP A 189 -6.94 11.25 7.40
CA TRP A 189 -6.35 10.68 6.20
C TRP A 189 -5.46 9.48 6.55
N THR A 190 -5.38 8.58 5.61
CA THR A 190 -4.39 7.55 5.56
C THR A 190 -3.29 7.94 4.62
N ARG A 191 -2.07 7.98 5.14
CA ARG A 191 -0.89 8.27 4.34
C ARG A 191 0.09 7.11 4.55
N SER A 192 0.22 6.30 3.52
CA SER A 192 0.88 5.02 3.63
C SER A 192 1.78 4.69 2.47
N GLY A 193 2.98 4.18 2.76
CA GLY A 193 3.86 3.73 1.67
C GLY A 193 4.40 4.83 0.79
N ASN A 194 4.50 6.05 1.31
CA ASN A 194 5.07 7.16 0.55
C ASN A 194 6.57 7.18 0.76
N VAL A 195 7.32 7.55 -0.27
CA VAL A 195 8.77 7.67 -0.17
C VAL A 195 9.16 9.14 -0.31
N ALA A 196 9.86 9.68 0.68
CA ALA A 196 10.31 11.06 0.61
C ALA A 196 11.79 11.15 0.94
N SER A 197 12.52 11.89 0.11
CA SER A 197 13.94 12.12 0.35
C SER A 197 14.27 13.56 0.01
N ASN A 198 15.24 14.14 0.73
CA ASN A 198 15.69 15.51 0.50
C ASN A 198 14.53 16.49 0.51
N CYS A 199 13.67 16.38 1.52
CA CYS A 199 12.62 17.33 1.77
C CYS A 199 12.81 17.80 3.19
N ARG A 200 12.51 19.06 3.48
CA ARG A 200 12.71 19.53 4.84
C ARG A 200 11.71 18.93 5.80
N CYS A 201 10.49 18.73 5.33
CA CYS A 201 9.39 18.31 6.17
C CYS A 201 8.50 17.38 5.40
N MET A 202 8.23 16.17 5.94
CA MET A 202 7.24 15.33 5.35
C MET A 202 5.85 15.65 5.81
N TYR A 203 5.69 15.97 7.08
CA TYR A 203 4.38 16.15 7.68
C TYR A 203 4.44 17.37 8.58
N LEU A 204 3.49 18.28 8.40
CA LEU A 204 3.35 19.50 9.20
C LEU A 204 1.95 19.62 9.62
N HIS A 205 1.76 19.71 10.91
CA HIS A 205 0.50 20.19 11.42
C HIS A 205 0.68 21.12 12.62
N THR A 206 -0.01 22.25 12.55
CA THR A 206 0.00 23.21 13.64
C THR A 206 -1.21 24.12 13.54
N GLN A 207 -1.33 25.04 14.48
CA GLN A 207 -2.36 26.09 14.37
C GLN A 207 -1.85 27.23 13.51
N GLY A 208 -2.77 27.93 12.85
CA GLY A 208 -2.40 29.06 12.03
C GLY A 208 -1.59 28.67 10.83
N MET A 209 -2.12 27.72 10.06
CA MET A 209 -1.44 27.21 8.89
C MET A 209 -1.93 27.93 7.65
N TRP A 210 -1.14 27.84 6.62
CA TRP A 210 -1.64 28.07 5.25
C TRP A 210 -2.58 26.94 4.85
N TYR A 211 -3.49 27.26 3.93
CA TYR A 211 -4.36 26.27 3.27
C TYR A 211 -5.31 25.54 4.22
N GLU A 212 -5.80 26.25 5.22
CA GLU A 212 -6.85 25.68 6.06
C GLU A 212 -8.18 25.66 5.30
N GLY A 213 -8.33 26.59 4.35
CA GLY A 213 -9.58 26.78 3.64
C GLY A 213 -10.76 27.22 4.51
N ALA A 214 -11.93 27.25 3.91
CA ALA A 214 -13.09 27.90 4.53
C ALA A 214 -13.54 27.25 5.82
N ALA A 215 -13.36 25.93 5.93
CA ALA A 215 -13.75 25.22 7.14
C ALA A 215 -12.77 25.44 8.31
N GLY A 216 -11.59 25.98 8.03
CA GLY A 216 -10.61 26.33 9.09
C GLY A 216 -9.91 25.10 9.67
N ASN A 217 -9.22 25.31 10.78
CA ASN A 217 -8.41 24.29 11.44
C ASN A 217 -9.34 23.48 12.34
N PHE A 218 -10.11 22.59 11.74
CA PHE A 218 -11.21 21.91 12.39
C PHE A 218 -11.02 20.39 12.35
N ASN A 219 -11.25 19.74 13.50
CA ASN A 219 -11.14 18.28 13.67
C ASN A 219 -9.84 17.71 13.04
N PRO A 220 -8.70 18.34 13.34
CA PRO A 220 -7.52 18.14 12.51
C PRO A 220 -6.72 16.87 12.75
N ALA A 221 -5.94 16.48 11.75
CA ALA A 221 -4.95 15.44 11.87
C ALA A 221 -5.58 14.09 12.35
N HIS A 222 -5.06 13.51 13.43
CA HIS A 222 -5.47 12.23 13.98
C HIS A 222 -5.77 11.10 12.97
N GLY A 223 -5.00 11.07 11.89
CA GLY A 223 -5.18 10.11 10.85
C GLY A 223 -4.21 8.95 11.03
N SER A 224 -3.71 8.43 9.92
CA SER A 224 -2.85 7.26 9.92
C SER A 224 -1.62 7.52 9.02
N PHE A 225 -0.44 7.26 9.57
CA PHE A 225 0.82 7.56 8.91
C PHE A 225 1.72 6.32 9.06
N THR A 226 1.72 5.45 8.04
CA THR A 226 2.33 4.14 8.11
C THR A 226 3.18 3.82 6.95
N SER A 227 4.25 3.08 7.19
CA SER A 227 5.14 2.58 6.13
C SER A 227 5.75 3.62 5.22
N ASN A 228 5.95 4.83 5.73
CA ASN A 228 6.53 5.89 4.95
C ASN A 228 8.02 5.92 5.23
N THR A 229 8.74 6.49 4.29
CA THR A 229 10.15 6.77 4.43
C THR A 229 10.38 8.31 4.35
N LEU A 230 11.07 8.87 5.33
CA LEU A 230 11.41 10.33 5.34
C LEU A 230 12.85 10.49 5.61
N ASN A 231 13.63 10.58 4.54
CA ASN A 231 15.06 10.57 4.67
C ASN A 231 15.72 11.90 4.28
N HIS A 232 16.80 12.21 5.00
CA HIS A 232 17.68 13.34 4.72
C HIS A 232 16.93 14.67 4.76
N CYS A 233 16.18 14.85 5.85
CA CYS A 233 15.38 16.03 6.05
C CYS A 233 16.26 17.20 6.48
N ASP A 234 17.12 16.98 7.47
CA ASP A 234 17.93 18.06 8.06
C ASP A 234 19.43 17.94 7.75
N TYR A 235 19.80 16.93 6.95
CA TYR A 235 21.18 16.60 6.73
C TYR A 235 21.30 15.66 5.55
N GLY A 236 22.33 15.86 4.71
CA GLY A 236 22.72 14.91 3.68
C GLY A 236 21.84 14.89 2.46
N GLY A 237 21.12 15.98 2.20
CA GLY A 237 20.43 16.10 0.93
C GLY A 237 19.50 17.29 0.74
N ASN A 238 18.70 17.58 1.75
CA ASN A 238 17.74 18.65 1.63
C ASN A 238 18.38 20.04 1.46
N LEU A 239 17.85 20.83 0.50
CA LEU A 239 18.27 22.21 0.21
C LEU A 239 17.28 23.31 0.62
N TRP A 240 16.05 22.99 1.04
CA TRP A 240 15.10 24.00 1.48
C TRP A 240 15.41 24.46 2.89
N PRO A 241 15.15 25.75 3.19
CA PRO A 241 15.42 26.23 4.53
C PRO A 241 14.51 25.62 5.59
N THR A 242 15.07 25.53 6.79
CA THR A 242 14.32 25.16 7.99
C THR A 242 13.29 26.19 8.39
N GLU A 243 13.65 27.46 8.24
CA GLU A 243 12.85 28.60 8.69
C GLU A 243 11.71 28.78 7.69
N PHE A 244 10.48 28.87 8.19
CA PHE A 244 9.31 28.87 7.31
C PHE A 244 8.25 29.79 7.85
N GLN A 245 7.72 30.63 6.96
CA GLN A 245 6.81 31.72 7.32
C GLN A 245 5.39 31.23 7.26
N LEU A 246 4.72 31.13 8.41
CA LEU A 246 3.28 30.94 8.49
C LEU A 246 2.62 32.29 8.48
N PRO A 247 1.27 32.34 8.36
CA PRO A 247 0.59 33.63 8.36
C PRO A 247 1.00 34.62 9.48
N ASP A 248 1.12 34.14 10.72
CA ASP A 248 1.34 34.98 11.92
C ASP A 248 2.71 34.83 12.61
N ARG A 249 3.58 33.93 12.15
CA ARG A 249 4.88 33.67 12.82
C ARG A 249 5.77 32.81 11.94
N VAL A 250 7.04 32.77 12.30
CA VAL A 250 8.02 31.90 11.66
C VAL A 250 8.18 30.63 12.52
N ILE A 251 8.27 29.48 11.86
CA ILE A 251 8.54 28.21 12.55
C ILE A 251 9.79 27.61 11.97
N ASN A 252 10.36 26.68 12.73
CA ASN A 252 11.51 25.93 12.29
C ASN A 252 11.08 24.47 12.02
N LEU A 253 11.05 24.13 10.75
CA LEU A 253 10.51 22.89 10.28
C LEU A 253 11.35 21.69 10.78
N ALA A 254 10.70 20.55 10.91
CA ALA A 254 11.37 19.25 11.06
C ALA A 254 10.71 18.27 10.09
N GLY A 255 11.37 17.11 9.89
CA GLY A 255 10.81 16.02 9.09
C GLY A 255 9.36 15.75 9.47
N PHE A 256 9.07 15.76 10.77
CA PHE A 256 7.71 15.59 11.26
C PHE A 256 7.50 16.63 12.36
N TYR A 257 6.56 17.54 12.15
CA TYR A 257 6.34 18.72 12.99
C TYR A 257 4.89 18.76 13.42
N PHE A 258 4.66 18.68 14.71
CA PHE A 258 3.33 18.71 15.24
C PHE A 258 3.27 19.65 16.43
N ASP A 259 2.44 20.70 16.32
CA ASP A 259 2.25 21.68 17.41
C ASP A 259 0.83 22.18 17.44
N ASN A 260 -0.02 21.47 18.15
CA ASN A 260 -1.39 21.87 18.31
C ASN A 260 -2.01 21.20 19.51
N ALA A 261 -2.14 21.98 20.59
CA ALA A 261 -2.69 21.49 21.86
C ALA A 261 -4.12 21.00 21.75
N ALA A 262 -4.84 21.44 20.73
CA ALA A 262 -6.22 21.02 20.49
C ALA A 262 -6.35 19.85 19.48
N ALA A 263 -5.25 19.22 19.06
CA ALA A 263 -5.34 18.11 18.10
C ALA A 263 -4.60 16.84 18.55
N ARG A 264 -5.07 15.68 18.08
CA ARG A 264 -4.33 14.44 18.26
C ARG A 264 -3.45 14.12 17.06
N LEU A 265 -2.29 13.56 17.36
CA LEU A 265 -1.39 12.96 16.40
C LEU A 265 -2.00 11.76 15.67
N PRO A 266 -1.50 11.47 14.46
CA PRO A 266 -1.90 10.24 13.76
C PRO A 266 -1.29 9.00 14.39
N ASN A 267 -1.84 7.85 14.05
CA ASN A 267 -1.16 6.60 14.31
C ASN A 267 0.14 6.64 13.49
N PHE A 268 1.21 6.15 14.06
CA PHE A 268 2.55 6.29 13.50
C PHE A 268 3.30 4.97 13.63
N SER A 269 3.29 4.19 12.56
CA SER A 269 3.80 2.81 12.60
C SER A 269 4.50 2.41 11.32
N GLY A 270 5.65 1.74 11.46
CA GLY A 270 6.38 1.21 10.33
C GLY A 270 7.12 2.21 9.49
N ASN A 271 7.44 3.39 10.04
CA ASN A 271 8.09 4.45 9.27
C ASN A 271 9.63 4.42 9.42
N SER A 272 10.34 4.74 8.36
CA SER A 272 11.80 4.89 8.40
C SER A 272 12.19 6.38 8.43
N GLN A 273 13.05 6.74 9.39
CA GLN A 273 13.56 8.09 9.55
C GLN A 273 15.09 8.01 9.57
N TRP A 274 15.73 8.29 8.46
CA TRP A 274 17.17 8.38 8.39
C TRP A 274 17.50 9.85 8.26
N TYR A 275 18.13 10.42 9.29
CA TYR A 275 18.43 11.87 9.33
C TYR A 275 17.16 12.64 9.16
N GLY A 276 16.12 12.19 9.88
CA GLY A 276 14.76 12.68 9.74
C GLY A 276 14.17 13.15 11.05
N ASP A 277 14.58 14.34 11.51
CA ASP A 277 14.08 14.94 12.75
C ASP A 277 12.58 15.04 12.96
N MET A 278 12.18 14.95 14.22
CA MET A 278 10.80 14.99 14.63
C MET A 278 10.67 15.95 15.83
N LYS A 279 9.65 16.81 15.80
CA LYS A 279 9.34 17.76 16.86
C LYS A 279 7.91 17.61 17.30
N LEU A 280 7.70 17.04 18.49
CA LEU A 280 6.39 16.91 19.06
C LEU A 280 6.27 18.01 20.09
N ILE A 281 5.75 19.15 19.65
CA ILE A 281 5.76 20.35 20.48
C ILE A 281 4.54 20.40 21.40
N ASN A 282 3.37 20.04 20.88
CA ASN A 282 2.14 20.11 21.67
C ASN A 282 1.02 19.33 21.02
N PHE A 283 0.21 18.67 21.84
CA PHE A 283 -0.91 17.87 21.36
C PHE A 283 -1.90 17.65 22.46
N LEU A 284 -3.08 17.20 22.09
CA LEU A 284 -4.16 17.10 23.06
C LEU A 284 -3.77 16.14 24.20
N PRO A 285 -3.90 16.60 25.47
CA PRO A 285 -3.44 15.78 26.60
C PRO A 285 -4.18 14.45 26.85
N ASP A 286 -5.44 14.32 26.42
CA ASP A 286 -6.16 13.04 26.53
C ASP A 286 -5.78 12.12 25.35
N SER A 287 -4.51 11.73 25.31
CA SER A 287 -4.04 10.80 24.30
C SER A 287 -2.65 10.42 24.66
N THR A 288 -2.18 9.37 24.01
CA THR A 288 -0.79 9.01 24.05
C THR A 288 -0.36 9.01 22.60
N PHE A 289 0.94 8.93 22.40
CA PHE A 289 1.53 8.81 21.11
C PHE A 289 2.63 7.76 21.18
N VAL A 290 2.70 6.93 20.14
CA VAL A 290 3.69 5.88 20.05
C VAL A 290 4.41 6.00 18.73
N ILE A 291 5.74 6.03 18.77
CA ILE A 291 6.51 5.80 17.56
C ILE A 291 6.70 4.30 17.51
N ASN A 292 5.96 3.63 16.66
CA ASN A 292 5.91 2.16 16.63
C ASN A 292 6.62 1.59 15.45
N GLY A 293 7.44 0.56 15.64
CA GLY A 293 8.00 -0.20 14.53
C GLY A 293 8.78 0.66 13.54
N GLY A 294 9.56 1.61 14.06
CA GLY A 294 10.31 2.52 13.22
C GLY A 294 11.78 2.14 13.14
N ALA A 295 12.46 2.73 12.15
CA ALA A 295 13.88 2.69 12.05
C ALA A 295 14.34 4.14 12.23
N LEU A 296 15.13 4.39 13.27
CA LEU A 296 15.52 5.73 13.68
C LEU A 296 17.06 5.83 13.62
N TYR A 297 17.59 6.43 12.55
CA TYR A 297 19.03 6.49 12.31
C TYR A 297 19.43 7.95 12.18
N GLY A 298 20.45 8.34 12.93
CA GLY A 298 20.90 9.73 12.99
C GLY A 298 22.32 9.83 13.49
N GLY A 299 22.71 11.07 13.78
CA GLY A 299 24.09 11.40 14.15
C GLY A 299 25.07 11.24 12.98
N PRO A 300 26.33 11.72 13.14
CA PRO A 300 26.87 12.41 14.32
C PRO A 300 26.38 13.85 14.41
N GLY A 301 26.41 14.38 15.63
CA GLY A 301 25.85 15.70 15.91
C GLY A 301 24.35 15.57 16.06
N ASP A 302 23.67 16.70 15.99
CA ASP A 302 22.23 16.77 16.19
C ASP A 302 21.53 16.63 14.84
N THR A 303 21.66 15.46 14.22
CA THR A 303 21.02 15.21 12.94
C THR A 303 20.05 14.05 13.09
N GLY A 304 18.79 14.26 12.74
CA GLY A 304 17.75 13.23 12.99
C GLY A 304 17.42 13.09 14.46
N VAL A 305 17.09 14.20 15.09
CA VAL A 305 16.74 14.20 16.49
C VAL A 305 15.24 14.02 16.60
N ILE A 306 14.83 13.18 17.53
CA ILE A 306 13.45 13.10 17.92
C ILE A 306 13.32 13.79 19.29
N ALA A 307 12.50 14.83 19.34
CA ALA A 307 12.34 15.65 20.51
C ALA A 307 10.89 15.88 20.83
N VAL A 308 10.55 15.72 22.11
CA VAL A 308 9.21 15.90 22.63
C VAL A 308 9.25 16.94 23.71
N ALA A 309 8.20 17.76 23.80
CA ALA A 309 8.05 18.71 24.88
C ALA A 309 8.06 17.97 26.26
N THR A 310 8.85 18.48 27.22
CA THR A 310 8.96 17.83 28.55
C THR A 310 7.61 17.66 29.20
N ALA A 311 6.73 18.63 29.02
CA ALA A 311 5.39 18.56 29.60
C ALA A 311 4.57 17.37 29.13
N LEU A 312 4.81 16.91 27.90
CA LEU A 312 4.05 15.83 27.31
C LEU A 312 4.85 14.52 27.18
N ALA A 313 6.12 14.55 27.60
CA ALA A 313 7.04 13.44 27.38
C ALA A 313 6.53 12.12 27.91
N ALA A 314 5.84 12.14 29.04
CA ALA A 314 5.36 10.93 29.70
C ALA A 314 4.28 10.23 28.91
N LYS A 315 3.63 10.97 28.02
CA LYS A 315 2.62 10.41 27.13
C LYS A 315 3.18 9.88 25.79
N VAL A 316 4.50 9.93 25.58
CA VAL A 316 5.10 9.47 24.36
C VAL A 316 5.95 8.20 24.59
N PHE A 317 5.80 7.23 23.68
CA PHE A 317 6.48 5.95 23.75
C PHE A 317 7.16 5.64 22.43
N VAL A 318 8.27 4.93 22.51
CA VAL A 318 9.01 4.50 21.34
C VAL A 318 9.09 2.98 21.44
N ILE A 319 8.28 2.28 20.66
CA ILE A 319 8.05 0.85 20.81
C ILE A 319 8.40 0.09 19.57
N GLY A 320 9.28 -0.91 19.73
CA GLY A 320 9.65 -1.82 18.68
C GLY A 320 10.45 -1.12 17.61
N CYS A 321 11.19 -0.07 17.98
CA CYS A 321 11.99 0.64 17.03
C CYS A 321 13.43 0.15 17.02
N GLN A 322 14.03 0.14 15.84
CA GLN A 322 15.45 -0.12 15.67
C GLN A 322 16.14 1.19 15.34
N GLY A 323 17.44 1.20 15.54
CA GLY A 323 18.24 2.37 15.25
C GLY A 323 19.68 2.25 15.70
N ASN A 324 20.44 3.34 15.55
CA ASN A 324 21.86 3.38 15.89
C ASN A 324 22.08 4.27 17.10
N ALA A 325 23.31 4.23 17.61
CA ALA A 325 23.69 5.04 18.79
C ALA A 325 23.63 6.53 18.51
N GLY A 326 23.94 6.93 17.28
CA GLY A 326 23.90 8.34 16.90
C GLY A 326 22.52 9.00 16.92
N GLN A 327 21.45 8.21 16.86
CA GLN A 327 20.10 8.73 16.89
C GLN A 327 19.79 9.23 18.29
N GLN A 328 19.41 10.49 18.36
CA GLN A 328 19.05 11.08 19.63
C GLN A 328 17.57 11.07 19.87
N ILE A 329 17.17 10.67 21.07
CA ILE A 329 15.80 10.75 21.52
C ILE A 329 15.77 11.66 22.76
N VAL A 330 15.02 12.78 22.66
CA VAL A 330 15.07 13.86 23.63
C VAL A 330 13.79 14.01 24.42
N ASN A 331 13.94 13.84 25.74
CA ASN A 331 12.93 14.06 26.77
C ASN A 331 11.99 12.91 27.00
N VAL A 332 11.96 11.91 26.12
CA VAL A 332 11.09 10.75 26.34
C VAL A 332 11.71 10.00 27.52
N PRO A 333 10.92 9.67 28.54
CA PRO A 333 11.50 8.87 29.64
C PRO A 333 12.03 7.51 29.20
N ALA A 334 13.12 7.07 29.81
CA ALA A 334 13.73 5.75 29.52
C ALA A 334 12.78 4.55 29.63
N ALA A 335 11.86 4.61 30.57
CA ALA A 335 10.86 3.58 30.76
C ALA A 335 9.88 3.45 29.57
N ASN A 336 9.79 4.52 28.76
CA ASN A 336 8.91 4.60 27.62
C ASN A 336 9.50 4.14 26.30
N ILE A 337 10.75 3.70 26.33
CA ILE A 337 11.47 3.29 25.14
C ILE A 337 11.81 1.79 25.25
N ILE A 338 11.08 0.96 24.50
CA ILE A 338 11.18 -0.48 24.56
C ILE A 338 11.19 -1.08 23.13
N PRO A 339 12.30 -1.66 22.67
CA PRO A 339 13.60 -1.78 23.34
C PRO A 339 14.37 -0.47 23.25
N GLU A 340 15.44 -0.38 24.01
CA GLU A 340 16.36 0.72 23.93
C GLU A 340 16.81 0.93 22.47
N VAL A 341 16.84 2.19 22.06
CA VAL A 341 17.27 2.56 20.73
C VAL A 341 17.91 3.93 20.83
N GLY A 342 19.01 4.13 20.13
CA GLY A 342 19.65 5.44 20.12
C GLY A 342 20.23 5.84 21.45
N THR A 343 20.42 7.14 21.59
CA THR A 343 20.94 7.72 22.81
C THR A 343 19.87 8.63 23.36
N ARG A 344 19.41 8.27 24.55
CA ARG A 344 18.41 9.02 25.24
C ARG A 344 19.05 10.24 25.93
N LYS A 345 18.35 11.37 25.91
CA LYS A 345 18.90 12.61 26.43
C LYS A 345 17.77 13.47 26.98
N ASP A 346 18.07 14.31 27.99
CA ASP A 346 17.15 15.32 28.49
C ASP A 346 17.64 16.72 28.11
N ASP A 347 16.75 17.53 27.58
CA ASP A 347 17.07 18.90 27.16
C ASP A 347 15.78 19.64 26.96
N ALA A 348 15.41 20.41 27.98
CA ALA A 348 14.19 21.16 27.96
C ALA A 348 14.18 22.37 27.01
N THR A 349 15.28 22.70 26.36
CA THR A 349 15.23 23.69 25.25
C THR A 349 14.72 23.07 23.94
N GLN A 350 14.58 21.74 23.88
CA GLN A 350 14.01 21.07 22.74
C GLN A 350 12.64 20.47 23.04
N PRO A 351 11.75 20.43 22.03
CA PRO A 351 11.90 21.00 20.68
C PRO A 351 11.50 22.49 20.63
N ALA A 352 12.27 23.30 19.89
CA ALA A 352 11.88 24.70 19.66
C ALA A 352 10.84 24.76 18.55
N ALA A 353 9.87 25.67 18.67
CA ALA A 353 8.87 25.90 17.62
C ALA A 353 9.51 26.34 16.28
N SER B 6 -0.03 2.75 -40.39
CA SER B 6 0.26 2.72 -38.93
C SER B 6 0.27 4.13 -38.31
N PRO B 7 -0.83 4.55 -37.66
CA PRO B 7 -0.86 5.93 -37.11
C PRO B 7 0.17 6.18 -35.99
N PRO B 8 0.65 7.43 -35.84
CA PRO B 8 1.62 7.70 -34.76
C PRO B 8 1.16 7.25 -33.35
N GLY B 9 2.13 6.70 -32.62
CA GLY B 9 1.88 6.11 -31.33
C GLY B 9 1.48 4.64 -31.29
N THR B 10 1.12 4.00 -32.39
CA THR B 10 0.75 2.57 -32.33
C THR B 10 1.92 1.73 -32.83
N LEU B 11 2.18 0.63 -32.15
CA LEU B 11 3.21 -0.33 -32.52
C LEU B 11 2.53 -1.67 -32.72
N LEU B 12 2.59 -2.18 -33.94
CA LEU B 12 1.91 -3.44 -34.30
C LEU B 12 2.88 -4.58 -34.10
N PRO B 13 2.36 -5.79 -33.84
CA PRO B 13 3.25 -6.97 -33.88
C PRO B 13 4.02 -7.07 -35.19
N GLY B 14 5.28 -7.46 -35.12
CA GLY B 14 6.11 -7.62 -36.32
C GLY B 14 6.82 -6.36 -36.74
N GLN B 15 6.34 -5.19 -36.32
CA GLN B 15 7.06 -3.93 -36.58
C GLN B 15 8.23 -3.82 -35.65
N SER B 16 9.15 -2.94 -35.99
CA SER B 16 10.38 -2.77 -35.25
C SER B 16 10.11 -1.96 -33.98
N PRO B 17 10.29 -2.59 -32.81
CA PRO B 17 10.03 -1.86 -31.55
C PRO B 17 11.02 -0.71 -31.35
N ASP B 18 12.28 -0.99 -31.66
CA ASP B 18 13.35 0.02 -31.55
C ASP B 18 13.00 1.33 -32.29
N GLU B 19 12.49 1.20 -33.52
CA GLU B 19 12.13 2.37 -34.31
C GLU B 19 10.92 3.08 -33.74
N ALA B 20 9.93 2.30 -33.30
CA ALA B 20 8.73 2.90 -32.71
C ALA B 20 9.12 3.69 -31.44
N PHE B 21 9.93 3.08 -30.58
CA PHE B 21 10.31 3.73 -29.32
C PHE B 21 11.16 4.97 -29.59
N ALA B 22 12.06 4.91 -30.57
CA ALA B 22 12.92 6.06 -30.88
C ALA B 22 12.16 7.24 -31.50
N ARG B 23 11.04 6.97 -32.18
CA ARG B 23 10.23 8.00 -32.84
C ARG B 23 9.05 8.56 -32.04
N ASN B 24 8.66 7.89 -30.95
CA ASN B 24 7.49 8.31 -30.16
C ASN B 24 7.80 8.51 -28.69
N SER B 25 7.13 9.46 -28.07
CA SER B 25 7.21 9.62 -26.63
C SER B 25 6.22 8.66 -25.91
N VAL B 26 5.11 8.33 -26.54
CA VAL B 26 4.11 7.37 -26.01
C VAL B 26 3.67 6.40 -27.10
N VAL B 27 3.58 5.12 -26.74
CA VAL B 27 3.26 4.05 -27.66
C VAL B 27 2.15 3.20 -27.05
N PHE B 28 1.15 2.89 -27.86
CA PHE B 28 0.06 1.99 -27.53
C PHE B 28 0.21 0.69 -28.29
N LEU B 29 0.17 -0.43 -27.60
CA LEU B 29 0.17 -1.73 -28.27
C LEU B 29 -1.23 -2.14 -28.66
N VAL B 30 -1.31 -3.11 -29.55
CA VAL B 30 -2.58 -3.63 -30.02
C VAL B 30 -3.18 -4.44 -28.88
N PRO B 31 -4.39 -4.06 -28.44
CA PRO B 31 -4.98 -4.73 -27.29
C PRO B 31 -5.04 -6.25 -27.42
N GLY B 32 -4.45 -6.94 -26.48
CA GLY B 32 -4.50 -8.41 -26.46
C GLY B 32 -3.67 -9.11 -27.49
N ALA B 33 -2.91 -8.38 -28.31
CA ALA B 33 -2.05 -8.99 -29.32
C ALA B 33 -0.80 -9.66 -28.74
N GLU B 34 -0.20 -10.54 -29.53
CA GLU B 34 0.97 -11.29 -29.14
C GLU B 34 2.17 -10.75 -29.91
N TYR B 35 3.13 -10.22 -29.18
CA TYR B 35 4.33 -9.69 -29.75
C TYR B 35 5.45 -10.69 -29.48
N ASN B 36 6.54 -10.54 -30.22
CA ASN B 36 7.70 -11.37 -30.09
C ASN B 36 8.93 -10.50 -30.21
N TRP B 37 9.58 -10.23 -29.08
CA TRP B 37 10.65 -9.28 -29.04
C TRP B 37 11.88 -9.93 -28.38
N LYS B 38 13.05 -9.43 -28.80
CA LYS B 38 14.32 -9.91 -28.30
C LYS B 38 15.32 -8.78 -28.40
N ASN B 39 15.99 -8.49 -27.30
CA ASN B 39 17.01 -7.44 -27.27
C ASN B 39 16.60 -6.12 -27.92
N VAL B 40 15.39 -5.67 -27.58
CA VAL B 40 14.91 -4.36 -27.98
C VAL B 40 15.67 -3.35 -27.16
N VAL B 41 15.97 -2.18 -27.73
CA VAL B 41 16.77 -1.17 -27.07
C VAL B 41 15.97 0.11 -27.02
N ILE B 42 15.87 0.67 -25.82
CA ILE B 42 15.20 1.94 -25.57
C ILE B 42 16.30 2.87 -25.07
N ARG B 43 16.49 4.00 -25.74
CA ARG B 43 17.57 4.96 -25.44
C ARG B 43 17.04 6.29 -24.96
N LYS B 44 15.73 6.47 -24.95
CA LYS B 44 15.11 7.73 -24.57
C LYS B 44 13.82 7.42 -23.83
N PRO B 45 13.38 8.31 -22.93
CA PRO B 45 12.16 8.01 -22.22
C PRO B 45 11.01 7.76 -23.17
N VAL B 46 10.20 6.77 -22.84
CA VAL B 46 9.01 6.47 -23.61
C VAL B 46 8.01 5.78 -22.68
N TRP B 47 6.73 6.01 -22.90
CA TRP B 47 5.69 5.32 -22.16
C TRP B 47 5.07 4.29 -23.06
N ILE B 48 4.90 3.09 -22.52
CA ILE B 48 4.26 2.00 -23.23
C ILE B 48 2.97 1.62 -22.52
N TYR B 49 1.84 1.82 -23.20
CA TYR B 49 0.53 1.32 -22.76
C TYR B 49 0.32 -0.06 -23.40
N GLY B 50 0.49 -1.10 -22.61
CA GLY B 50 0.52 -2.44 -23.12
C GLY B 50 -0.86 -2.96 -23.52
N ASN B 51 -1.93 -2.39 -22.95
CA ASN B 51 -3.29 -2.75 -23.31
C ASN B 51 -3.59 -4.28 -23.29
N GLY B 52 -3.03 -5.00 -22.33
CA GLY B 52 -3.29 -6.41 -22.23
C GLY B 52 -2.59 -7.30 -23.26
N ALA B 53 -1.67 -6.74 -24.02
CA ALA B 53 -0.82 -7.51 -24.93
C ALA B 53 0.14 -8.43 -24.18
N THR B 54 0.73 -9.33 -24.92
CA THR B 54 1.68 -10.29 -24.39
C THR B 54 2.97 -10.17 -25.23
N VAL B 55 4.11 -10.30 -24.59
CA VAL B 55 5.40 -10.26 -25.26
C VAL B 55 6.07 -11.60 -24.96
N LYS B 56 6.29 -12.38 -26.01
CA LYS B 56 7.13 -13.58 -25.92
C LYS B 56 8.50 -13.27 -26.48
N THR B 57 9.41 -14.22 -26.34
CA THR B 57 10.79 -14.03 -26.76
C THR B 57 11.46 -15.37 -27.08
N SER B 58 12.70 -15.31 -27.52
CA SER B 58 13.53 -16.50 -27.69
C SER B 58 15.00 -16.13 -27.49
N GLY B 59 15.83 -17.15 -27.33
CA GLY B 59 17.25 -16.97 -27.25
C GLY B 59 17.68 -16.31 -25.95
N LEU B 60 18.71 -15.47 -26.04
CA LEU B 60 19.25 -14.80 -24.89
C LEU B 60 18.60 -13.46 -24.68
N GLY B 61 18.13 -13.23 -23.47
CA GLY B 61 17.46 -11.98 -23.13
C GLY B 61 18.50 -10.90 -22.99
N PRO B 62 18.11 -9.73 -22.54
CA PRO B 62 16.76 -9.40 -22.14
C PRO B 62 15.80 -9.20 -23.32
N ILE B 63 14.51 -9.22 -23.01
CA ILE B 63 13.52 -8.78 -23.99
C ILE B 63 13.76 -7.30 -24.31
N ILE B 64 13.98 -6.45 -23.29
CA ILE B 64 14.19 -5.02 -23.48
C ILE B 64 15.41 -4.58 -22.68
N HIS B 65 16.33 -3.85 -23.33
CA HIS B 65 17.47 -3.14 -22.71
C HIS B 65 17.01 -1.69 -22.57
N ILE B 66 17.08 -1.09 -21.39
CA ILE B 66 16.63 0.31 -21.23
C ILE B 66 17.81 1.13 -20.73
N MET B 67 18.30 2.02 -21.58
CA MET B 67 19.45 2.88 -21.26
C MET B 67 18.86 4.18 -20.76
N GLY B 68 18.92 4.38 -19.45
CA GLY B 68 18.29 5.52 -18.83
C GLY B 68 19.15 6.78 -18.95
N ASP B 69 18.48 7.92 -18.87
CA ASP B 69 19.10 9.26 -18.86
C ASP B 69 18.65 9.89 -17.56
N LEU B 70 19.50 9.86 -16.54
CA LEU B 70 19.09 10.44 -15.25
C LEU B 70 18.90 11.97 -15.35
N ASP B 71 19.57 12.61 -16.31
CA ASP B 71 19.33 14.03 -16.63
C ASP B 71 17.89 14.36 -17.06
N ASN B 72 17.21 13.42 -17.71
CA ASN B 72 15.91 13.69 -18.32
C ASN B 72 14.78 13.54 -17.31
N PRO B 73 13.96 14.58 -17.13
CA PRO B 73 12.87 14.44 -16.16
C PRO B 73 11.81 13.36 -16.48
N MET B 74 11.54 13.06 -17.76
CA MET B 74 10.49 12.07 -18.10
C MET B 74 10.98 10.66 -17.75
N ASP B 75 10.05 9.84 -17.23
CA ASP B 75 10.32 8.44 -16.94
C ASP B 75 9.95 7.53 -18.12
N VAL B 76 10.60 6.38 -18.17
CA VAL B 76 10.09 5.25 -18.90
C VAL B 76 8.95 4.70 -18.08
N ARG B 77 7.80 4.47 -18.72
CA ARG B 77 6.67 3.91 -18.02
C ARG B 77 6.16 2.73 -18.83
N ILE B 78 5.95 1.58 -18.19
CA ILE B 78 5.45 0.36 -18.84
C ILE B 78 4.24 -0.13 -18.03
N GLN B 79 3.06 -0.08 -18.62
CA GLN B 79 1.83 -0.48 -17.97
C GLN B 79 1.14 -1.63 -18.73
N ASP B 80 0.54 -2.55 -17.99
CA ASP B 80 -0.49 -3.47 -18.52
C ASP B 80 0.03 -4.42 -19.60
N LEU B 81 1.24 -4.95 -19.38
CA LEU B 81 1.90 -5.75 -20.37
C LEU B 81 2.35 -7.05 -19.74
N THR B 82 2.16 -8.16 -20.45
CA THR B 82 2.60 -9.49 -19.92
C THR B 82 3.87 -9.91 -20.67
N PHE B 83 4.87 -10.36 -19.92
CA PHE B 83 6.11 -10.81 -20.47
C PHE B 83 6.26 -12.29 -20.18
N ILE B 84 6.57 -13.08 -21.19
CA ILE B 84 6.71 -14.56 -21.05
C ILE B 84 8.12 -14.93 -21.44
N GLY B 85 8.84 -15.54 -20.52
CA GLY B 85 10.27 -15.80 -20.69
C GLY B 85 10.59 -17.20 -21.18
N GLY B 86 9.56 -18.04 -21.33
CA GLY B 86 9.77 -19.45 -21.60
C GLY B 86 8.62 -20.26 -21.07
N ASP B 87 8.80 -21.57 -21.09
CA ASP B 87 7.84 -22.53 -20.54
C ASP B 87 8.18 -22.72 -19.07
N SER B 88 7.31 -23.44 -18.34
CA SER B 88 7.49 -23.58 -16.88
C SER B 88 8.92 -24.02 -16.54
N PRO B 89 9.46 -23.51 -15.45
CA PRO B 89 10.91 -23.51 -15.26
C PRO B 89 11.54 -24.86 -14.89
N ASP B 90 12.86 -24.97 -15.12
CA ASP B 90 13.64 -26.12 -14.69
C ASP B 90 14.33 -25.79 -13.37
N ARG B 91 13.70 -26.16 -12.26
CA ARG B 91 14.11 -25.62 -10.97
C ARG B 91 15.39 -26.24 -10.41
N LEU B 92 15.78 -27.39 -10.96
CA LEU B 92 16.97 -28.11 -10.49
C LEU B 92 18.23 -27.73 -11.21
N VAL B 93 18.13 -26.93 -12.28
CA VAL B 93 19.30 -26.49 -13.00
C VAL B 93 20.14 -25.58 -12.10
N PRO B 94 21.47 -25.80 -12.04
CA PRO B 94 22.29 -24.84 -11.27
C PRO B 94 22.26 -23.47 -11.88
N PHE B 95 22.24 -22.43 -11.04
CA PHE B 95 22.23 -21.08 -11.56
C PHE B 95 23.66 -20.73 -11.91
N SER B 96 23.82 -19.97 -12.99
CA SER B 96 25.14 -19.61 -13.56
C SER B 96 25.06 -18.26 -14.28
N ALA B 97 26.22 -17.71 -14.57
CA ALA B 97 26.33 -16.45 -15.30
C ALA B 97 25.55 -16.44 -16.61
N VAL B 98 25.45 -17.61 -17.26
CA VAL B 98 24.67 -17.80 -18.50
C VAL B 98 23.23 -17.42 -18.36
N LEU B 99 22.64 -17.92 -17.29
CA LEU B 99 21.23 -17.71 -17.06
C LEU B 99 20.89 -16.27 -16.62
N THR B 100 21.88 -15.48 -16.17
CA THR B 100 21.61 -14.12 -15.75
C THR B 100 21.08 -13.24 -16.88
N ASN B 101 21.22 -13.70 -18.13
CA ASN B 101 20.71 -12.93 -19.24
C ASN B 101 19.21 -13.15 -19.49
N GLN B 102 18.61 -14.16 -18.88
CA GLN B 102 17.22 -14.51 -19.13
C GLN B 102 16.28 -13.60 -18.30
N MET B 103 16.19 -12.35 -18.77
CA MET B 103 15.47 -11.25 -18.17
C MET B 103 14.35 -10.78 -19.10
N ALA B 104 13.36 -10.15 -18.53
CA ALA B 104 12.39 -9.36 -19.28
C ALA B 104 12.93 -7.93 -19.47
N LEU B 105 13.30 -7.25 -18.37
CA LEU B 105 13.74 -5.87 -18.44
C LEU B 105 15.11 -5.70 -17.76
N TRP B 106 16.07 -5.17 -18.50
CA TRP B 106 17.39 -4.77 -17.99
C TRP B 106 17.48 -3.28 -18.17
N CYS B 107 17.49 -2.55 -17.08
CA CYS B 107 17.48 -1.11 -17.09
C CYS B 107 18.77 -0.62 -16.43
N ILE B 108 19.47 0.33 -17.06
CA ILE B 108 20.63 0.96 -16.47
C ILE B 108 20.30 2.43 -16.26
N ASP B 109 20.72 2.95 -15.12
CA ASP B 109 20.41 4.31 -14.72
C ASP B 109 18.91 4.60 -14.84
N PRO B 110 18.09 3.78 -14.15
CA PRO B 110 16.65 3.82 -14.40
C PRO B 110 15.89 5.00 -13.79
N ARG B 111 15.00 5.56 -14.58
CA ARG B 111 13.92 6.37 -14.09
C ARG B 111 12.71 5.70 -14.72
N ILE B 112 12.08 4.81 -13.96
CA ILE B 112 11.12 3.87 -14.53
C ILE B 112 9.95 3.55 -13.61
N THR B 113 8.79 3.41 -14.23
CA THR B 113 7.56 3.01 -13.54
C THR B 113 7.03 1.77 -14.26
N ILE B 114 6.84 0.71 -13.52
CA ILE B 114 6.33 -0.55 -14.06
C ILE B 114 5.09 -0.89 -13.24
N ARG B 115 3.93 -0.90 -13.87
CA ARG B 115 2.66 -0.97 -13.17
C ARG B 115 1.74 -1.96 -13.90
N GLY B 116 1.14 -2.88 -13.16
CA GLY B 116 0.13 -3.79 -13.73
C GLY B 116 0.67 -4.80 -14.77
N CYS B 117 1.95 -5.13 -14.69
CA CYS B 117 2.57 -6.01 -15.64
C CYS B 117 2.70 -7.41 -15.03
N SER B 118 2.91 -8.42 -15.87
CA SER B 118 3.12 -9.79 -15.40
C SER B 118 4.32 -10.38 -16.04
N PHE B 119 5.03 -11.21 -15.26
CA PHE B 119 6.29 -11.79 -15.68
C PHE B 119 6.26 -13.30 -15.38
N TYR B 120 6.36 -14.12 -16.42
CA TYR B 120 6.26 -15.57 -16.31
C TYR B 120 7.54 -16.23 -16.77
N ASN B 121 8.09 -17.10 -15.94
CA ASN B 121 9.12 -18.09 -16.35
C ASN B 121 10.37 -17.50 -16.92
N PHE B 122 10.96 -16.61 -16.16
CA PHE B 122 12.26 -16.07 -16.50
C PHE B 122 13.36 -16.85 -15.80
N GLY B 123 14.37 -17.25 -16.57
CA GLY B 123 15.48 -18.05 -16.04
C GLY B 123 16.43 -17.26 -15.20
N GLY B 124 16.41 -15.93 -15.36
CA GLY B 124 17.17 -15.00 -14.49
C GLY B 124 16.21 -14.12 -13.70
N ALA B 125 16.61 -12.87 -13.54
CA ALA B 125 15.77 -11.87 -12.94
C ALA B 125 14.79 -11.39 -13.95
N ALA B 126 13.50 -11.36 -13.61
CA ALA B 126 12.52 -10.81 -14.52
C ALA B 126 12.84 -9.32 -14.78
N ILE B 127 13.20 -8.59 -13.73
CA ILE B 127 13.55 -7.20 -13.81
C ILE B 127 14.92 -7.02 -13.15
N TYR B 128 15.84 -6.40 -13.86
CA TYR B 128 17.17 -6.09 -13.33
C TYR B 128 17.45 -4.61 -13.53
N LEU B 129 17.76 -3.93 -12.45
CA LEU B 129 18.05 -2.51 -12.46
C LEU B 129 19.48 -2.34 -11.99
N GLU B 130 20.27 -1.58 -12.74
CA GLU B 130 21.64 -1.26 -12.32
C GLU B 130 22.00 0.19 -12.57
N ARG B 131 23.08 0.60 -11.96
CA ARG B 131 23.58 1.94 -12.05
C ARG B 131 24.98 1.84 -12.72
N SER B 132 25.25 2.71 -13.69
CA SER B 132 26.53 2.69 -14.43
C SER B 132 27.72 3.25 -13.62
N GLU B 133 27.47 3.85 -12.45
CA GLU B 133 28.45 4.58 -11.68
C GLU B 133 27.88 4.82 -10.27
N ARG B 134 28.71 4.74 -9.22
CA ARG B 134 28.24 5.05 -7.84
C ARG B 134 27.76 6.49 -7.65
N ASP B 135 26.72 6.67 -6.83
CA ASP B 135 26.39 7.98 -6.25
C ASP B 135 27.17 8.12 -4.92
N GLY B 143 16.73 9.53 -9.84
CA GLY B 143 16.09 8.47 -10.64
C GLY B 143 15.12 7.61 -9.86
N GLN B 144 13.84 7.96 -9.88
CA GLN B 144 12.80 7.34 -9.04
C GLN B 144 12.39 6.01 -9.74
N VAL B 145 12.26 4.91 -8.98
CA VAL B 145 11.79 3.62 -9.49
C VAL B 145 10.53 3.18 -8.77
N MET B 146 9.49 2.82 -9.53
CA MET B 146 8.22 2.34 -8.96
C MET B 146 7.83 1.05 -9.66
N ILE B 147 7.71 -0.03 -8.90
CA ILE B 147 7.20 -1.32 -9.41
C ILE B 147 5.99 -1.73 -8.54
N THR B 148 4.78 -1.62 -9.07
CA THR B 148 3.58 -1.89 -8.30
C THR B 148 2.58 -2.70 -9.09
N ASP B 149 1.75 -3.48 -8.36
CA ASP B 149 0.64 -4.27 -8.94
C ASP B 149 1.12 -5.25 -10.02
N CYS B 150 2.34 -5.76 -9.92
CA CYS B 150 2.84 -6.70 -10.89
C CYS B 150 2.76 -8.11 -10.35
N ARG B 151 2.69 -9.09 -11.25
CA ARG B 151 2.66 -10.50 -10.92
C ARG B 151 3.92 -11.14 -11.43
N PHE B 152 4.48 -12.04 -10.62
CA PHE B 152 5.70 -12.79 -10.95
C PHE B 152 5.43 -14.24 -10.64
N ARG B 153 5.64 -15.10 -11.61
CA ARG B 153 5.35 -16.51 -11.47
C ARG B 153 6.38 -17.33 -12.23
N GLY B 154 6.93 -18.34 -11.57
CA GLY B 154 7.91 -19.21 -12.22
C GLY B 154 9.27 -18.59 -12.52
N CYS B 155 9.60 -17.46 -11.92
CA CYS B 155 10.86 -16.79 -12.22
C CYS B 155 11.91 -17.24 -11.21
N ARG B 156 13.16 -17.27 -11.64
CA ARG B 156 14.27 -17.57 -10.76
C ARG B 156 14.39 -16.45 -9.74
N ILE B 157 14.47 -15.24 -10.25
CA ILE B 157 14.49 -14.02 -9.46
C ILE B 157 13.40 -13.06 -9.98
N GLY B 158 12.72 -12.39 -9.07
CA GLY B 158 11.70 -11.43 -9.45
C GLY B 158 12.30 -10.10 -9.85
N ILE B 159 12.80 -9.41 -8.83
CA ILE B 159 13.32 -8.08 -8.98
C ILE B 159 14.73 -8.08 -8.40
N ALA B 160 15.69 -7.74 -9.24
CA ALA B 160 17.10 -7.57 -8.80
C ALA B 160 17.49 -6.10 -8.91
N ASN B 161 17.78 -5.46 -7.80
CA ASN B 161 18.20 -4.04 -7.87
C ASN B 161 19.67 -3.95 -7.49
N GLY B 162 20.47 -3.51 -8.45
CA GLY B 162 21.92 -3.42 -8.23
C GLY B 162 22.28 -2.30 -7.28
N GLY B 163 23.57 -2.23 -6.96
CA GLY B 163 24.05 -1.13 -6.11
C GLY B 163 23.78 0.22 -6.71
N SER B 164 23.56 1.19 -5.84
CA SER B 164 23.19 2.54 -6.20
C SER B 164 21.88 2.74 -6.96
N VAL B 165 21.09 1.69 -7.12
CA VAL B 165 19.68 1.86 -7.53
C VAL B 165 18.92 1.92 -6.23
N GLU B 166 18.61 3.14 -5.80
CA GLU B 166 18.15 3.40 -4.46
C GLU B 166 16.78 4.03 -4.41
N TYR B 167 16.13 3.94 -3.25
CA TYR B 167 14.85 4.64 -3.01
C TYR B 167 13.72 4.24 -3.93
N GLY B 168 13.77 3.01 -4.43
CA GLY B 168 12.69 2.54 -5.24
C GLY B 168 11.55 2.11 -4.35
N LEU B 169 10.42 1.89 -4.96
CA LEU B 169 9.22 1.46 -4.29
C LEU B 169 8.76 0.18 -5.00
N ALA B 170 8.63 -0.91 -4.25
CA ALA B 170 8.07 -2.15 -4.80
C ALA B 170 6.98 -2.59 -3.90
N SER B 171 5.76 -2.35 -4.31
CA SER B 171 4.60 -2.56 -3.46
C SER B 171 3.42 -3.17 -4.18
N GLN B 172 2.61 -3.90 -3.44
CA GLN B 172 1.40 -4.54 -3.96
C GLN B 172 1.65 -5.45 -5.13
N ASN B 173 2.80 -6.11 -5.11
CA ASN B 173 3.12 -7.14 -6.10
C ASN B 173 2.84 -8.53 -5.53
N ASN B 174 2.66 -9.50 -6.41
CA ASN B 174 2.36 -10.85 -6.05
C ASN B 174 3.41 -11.76 -6.70
N PHE B 175 4.04 -12.58 -5.89
CA PHE B 175 5.04 -13.54 -6.31
C PHE B 175 4.55 -14.95 -5.95
N SER B 176 4.68 -15.88 -6.88
CA SER B 176 4.49 -17.30 -6.58
C SER B 176 5.45 -18.12 -7.41
N ASP B 177 5.96 -19.18 -6.80
CA ASP B 177 6.83 -20.13 -7.50
C ASP B 177 8.04 -19.42 -8.08
N CYS B 178 8.73 -18.67 -7.24
CA CYS B 178 9.97 -18.02 -7.62
C CYS B 178 10.99 -18.47 -6.63
N GLN B 179 12.26 -18.55 -7.01
CA GLN B 179 13.30 -18.93 -6.01
C GLN B 179 13.61 -17.79 -5.09
N ILE B 180 13.83 -16.61 -5.68
CA ILE B 180 14.14 -15.40 -4.93
C ILE B 180 13.23 -14.26 -5.46
N CYS B 181 12.41 -13.68 -4.61
CA CYS B 181 11.55 -12.58 -5.04
C CYS B 181 12.31 -11.28 -5.23
N PHE B 182 13.01 -10.87 -4.17
CA PHE B 182 13.82 -9.68 -4.19
C PHE B 182 15.32 -10.03 -3.98
N ASN B 183 16.11 -9.80 -5.02
CA ASN B 183 17.58 -9.93 -4.98
C ASN B 183 18.10 -8.53 -4.70
N VAL B 184 18.39 -8.28 -3.42
CA VAL B 184 18.58 -6.93 -2.92
C VAL B 184 20.06 -6.57 -2.79
N VAL B 185 20.49 -5.55 -3.54
CA VAL B 185 21.79 -4.92 -3.34
C VAL B 185 21.58 -3.46 -3.04
N GLY B 186 21.07 -2.70 -4.00
CA GLY B 186 20.86 -1.27 -3.78
C GLY B 186 20.07 -0.95 -2.53
N GLY B 187 20.39 0.17 -1.90
CA GLY B 187 19.81 0.54 -0.61
C GLY B 187 18.55 1.39 -0.64
N ASN B 188 17.87 1.48 0.49
CA ASN B 188 16.79 2.42 0.74
C ASN B 188 15.46 2.19 0.04
N TRP B 189 15.21 0.99 -0.48
CA TRP B 189 13.93 0.72 -1.11
C TRP B 189 12.86 0.52 -0.06
N THR B 190 11.64 0.86 -0.42
CA THR B 190 10.44 0.52 0.31
C THR B 190 9.78 -0.64 -0.39
N ARG B 191 9.60 -1.74 0.35
CA ARG B 191 8.95 -2.96 -0.17
C ARG B 191 7.80 -3.28 0.80
N SER B 192 6.58 -2.98 0.33
CA SER B 192 5.44 -2.96 1.20
C SER B 192 4.23 -3.62 0.57
N GLY B 193 3.51 -4.40 1.35
CA GLY B 193 2.23 -4.97 0.88
C GLY B 193 2.36 -5.97 -0.23
N ASN B 194 3.51 -6.63 -0.33
CA ASN B 194 3.73 -7.64 -1.34
C ASN B 194 3.29 -8.98 -0.79
N VAL B 195 2.75 -9.82 -1.65
CA VAL B 195 2.26 -11.14 -1.26
C VAL B 195 3.14 -12.16 -1.96
N ALA B 196 3.76 -13.02 -1.18
CA ALA B 196 4.55 -14.09 -1.75
C ALA B 196 4.18 -15.45 -1.14
N SER B 197 4.01 -16.45 -1.98
CA SER B 197 3.75 -17.83 -1.53
C SER B 197 4.50 -18.83 -2.41
N ASN B 198 4.96 -19.91 -1.80
CA ASN B 198 5.69 -20.96 -2.52
C ASN B 198 6.87 -20.41 -3.27
N CYS B 199 7.68 -19.60 -2.57
CA CYS B 199 8.94 -19.13 -3.05
C CYS B 199 9.96 -19.51 -2.02
N ARG B 200 11.17 -19.87 -2.42
CA ARG B 200 12.17 -20.24 -1.43
C ARG B 200 12.64 -19.05 -0.59
N CYS B 201 12.75 -17.89 -1.24
CA CYS B 201 13.31 -16.72 -0.58
C CYS B 201 12.57 -15.49 -1.04
N MET B 202 12.11 -14.68 -0.11
CA MET B 202 11.51 -13.41 -0.50
C MET B 202 12.54 -12.31 -0.59
N TYR B 203 13.50 -12.32 0.33
CA TYR B 203 14.48 -11.26 0.42
C TYR B 203 15.86 -11.89 0.64
N LEU B 204 16.81 -11.55 -0.22
CA LEU B 204 18.20 -12.01 -0.15
C LEU B 204 19.11 -10.84 -0.20
N HIS B 205 19.92 -10.69 0.83
CA HIS B 205 21.06 -9.79 0.73
C HIS B 205 22.29 -10.37 1.36
N THR B 206 23.38 -10.34 0.60
CA THR B 206 24.65 -10.78 1.09
C THR B 206 25.78 -10.16 0.24
N GLN B 207 27.03 -10.47 0.59
CA GLN B 207 28.19 -10.06 -0.24
C GLN B 207 28.37 -11.05 -1.36
N GLY B 208 28.88 -10.59 -2.50
CA GLY B 208 29.14 -11.47 -3.63
C GLY B 208 27.88 -12.02 -4.25
N MET B 209 26.98 -11.11 -4.59
CA MET B 209 25.69 -11.49 -5.20
C MET B 209 25.74 -11.41 -6.71
N TRP B 210 24.81 -12.08 -7.34
CA TRP B 210 24.46 -11.79 -8.74
C TRP B 210 23.78 -10.43 -8.81
N TYR B 211 23.91 -9.77 -9.98
CA TYR B 211 23.21 -8.54 -10.31
C TYR B 211 23.56 -7.37 -9.41
N GLU B 212 24.82 -7.26 -9.03
CA GLU B 212 25.26 -6.07 -8.30
C GLU B 212 25.39 -4.90 -9.26
N GLY B 213 25.64 -5.23 -10.54
CA GLY B 213 25.91 -4.22 -11.56
C GLY B 213 27.20 -3.43 -11.35
N ALA B 214 27.39 -2.39 -12.18
CA ALA B 214 28.64 -1.66 -12.27
C ALA B 214 29.02 -0.93 -10.99
N ALA B 215 28.03 -0.48 -10.22
CA ALA B 215 28.31 0.20 -8.95
C ALA B 215 28.72 -0.77 -7.84
N GLY B 216 28.50 -2.07 -8.04
CA GLY B 216 28.88 -3.08 -7.03
C GLY B 216 27.97 -3.12 -5.79
N ASN B 217 28.45 -3.80 -4.75
CA ASN B 217 27.73 -3.96 -3.49
C ASN B 217 27.97 -2.76 -2.60
N PHE B 218 27.29 -1.68 -2.90
CA PHE B 218 27.56 -0.39 -2.30
C PHE B 218 26.32 0.19 -1.58
N ASN B 219 26.54 0.72 -0.37
CA ASN B 219 25.46 1.32 0.48
C ASN B 219 24.16 0.46 0.54
N PRO B 220 24.29 -0.84 0.84
CA PRO B 220 23.27 -1.79 0.50
C PRO B 220 22.12 -1.85 1.50
N ALA B 221 20.98 -2.34 1.01
CA ALA B 221 19.85 -2.72 1.86
C ALA B 221 19.36 -1.55 2.71
N HIS B 222 19.30 -1.69 4.03
CA HIS B 222 18.79 -0.67 4.96
C HIS B 222 17.55 0.11 4.54
N GLY B 223 16.65 -0.58 3.86
CA GLY B 223 15.44 0.04 3.41
C GLY B 223 14.29 -0.24 4.35
N SER B 224 13.11 -0.43 3.77
CA SER B 224 11.88 -0.64 4.54
C SER B 224 11.10 -1.83 4.00
N PHE B 225 10.72 -2.77 4.89
CA PHE B 225 10.09 -4.08 4.51
C PHE B 225 8.89 -4.31 5.42
N THR B 226 7.72 -3.86 4.96
CA THR B 226 6.53 -3.76 5.79
C THR B 226 5.32 -4.38 5.14
N SER B 227 4.46 -4.95 5.95
CA SER B 227 3.16 -5.48 5.53
C SER B 227 3.24 -6.52 4.42
N ASN B 228 4.30 -7.28 4.38
CA ASN B 228 4.45 -8.29 3.38
C ASN B 228 4.08 -9.64 3.95
N THR B 229 3.79 -10.56 3.04
CA THR B 229 3.50 -11.93 3.39
C THR B 229 4.51 -12.84 2.68
N LEU B 230 5.17 -13.71 3.45
CA LEU B 230 6.10 -14.68 2.86
C LEU B 230 5.80 -16.05 3.38
N ASN B 231 5.00 -16.80 2.63
CA ASN B 231 4.49 -18.06 3.13
C ASN B 231 5.00 -19.27 2.37
N HIS B 232 5.15 -20.36 3.11
CA HIS B 232 5.52 -21.66 2.58
C HIS B 232 6.86 -21.61 1.82
N CYS B 233 7.86 -21.03 2.45
CA CYS B 233 9.18 -20.88 1.89
C CYS B 233 9.93 -22.21 1.96
N ASP B 234 9.94 -22.85 3.13
CA ASP B 234 10.73 -24.09 3.34
C ASP B 234 9.91 -25.35 3.54
N TYR B 235 8.59 -25.21 3.40
CA TYR B 235 7.68 -26.30 3.73
C TYR B 235 6.31 -25.97 3.18
N GLY B 236 5.63 -26.99 2.63
CA GLY B 236 4.22 -26.90 2.29
C GLY B 236 3.88 -26.13 1.04
N GLY B 237 4.84 -25.99 0.14
CA GLY B 237 4.51 -25.43 -1.18
C GLY B 237 5.65 -25.18 -2.13
N ASN B 238 6.72 -24.59 -1.62
CA ASN B 238 7.83 -24.23 -2.46
C ASN B 238 8.51 -25.46 -3.09
N LEU B 239 8.78 -25.38 -4.39
CA LEU B 239 9.49 -26.41 -5.16
C LEU B 239 10.93 -26.07 -5.54
N TRP B 240 11.39 -24.83 -5.34
CA TRP B 240 12.78 -24.49 -5.71
C TRP B 240 13.74 -24.97 -4.65
N PRO B 241 14.96 -25.35 -5.04
CA PRO B 241 15.94 -25.77 -4.05
C PRO B 241 16.42 -24.68 -3.10
N THR B 242 16.79 -25.12 -1.90
CA THR B 242 17.42 -24.29 -0.89
C THR B 242 18.82 -23.87 -1.30
N GLU B 243 19.52 -24.80 -1.93
CA GLU B 243 20.93 -24.64 -2.26
C GLU B 243 20.99 -23.72 -3.48
N PHE B 244 21.79 -22.67 -3.40
CA PHE B 244 21.78 -21.68 -4.45
C PHE B 244 23.20 -21.22 -4.72
N GLN B 245 23.56 -21.21 -6.00
CA GLN B 245 24.92 -20.90 -6.46
C GLN B 245 25.08 -19.40 -6.66
N LEU B 246 25.87 -18.76 -5.80
CA LEU B 246 26.33 -17.40 -6.04
C LEU B 246 27.60 -17.46 -6.91
N PRO B 247 28.10 -16.30 -7.38
CA PRO B 247 29.35 -16.34 -8.16
C PRO B 247 30.50 -17.16 -7.57
N ASP B 248 30.80 -17.01 -6.27
CA ASP B 248 31.96 -17.63 -5.62
C ASP B 248 31.69 -18.72 -4.59
N ARG B 249 30.42 -19.02 -4.29
CA ARG B 249 30.09 -20.01 -3.24
C ARG B 249 28.64 -20.41 -3.34
N VAL B 250 28.29 -21.49 -2.66
CA VAL B 250 26.93 -21.94 -2.53
C VAL B 250 26.40 -21.42 -1.19
N ILE B 251 25.13 -20.96 -1.16
CA ILE B 251 24.44 -20.63 0.07
C ILE B 251 23.18 -21.46 0.18
N ASN B 252 22.66 -21.51 1.40
CA ASN B 252 21.39 -22.16 1.69
C ASN B 252 20.36 -21.08 2.00
N LEU B 253 19.43 -20.93 1.08
CA LEU B 253 18.45 -19.83 1.12
C LEU B 253 17.49 -20.00 2.28
N ALA B 254 16.97 -18.87 2.76
CA ALA B 254 15.84 -18.83 3.66
C ALA B 254 14.83 -17.78 3.13
N GLY B 255 13.63 -17.80 3.69
CA GLY B 255 12.60 -16.82 3.34
C GLY B 255 13.13 -15.41 3.41
N PHE B 256 13.92 -15.12 4.44
CA PHE B 256 14.63 -13.88 4.58
C PHE B 256 16.06 -14.24 4.96
N TYR B 257 17.01 -13.88 4.09
CA TYR B 257 18.41 -14.21 4.23
C TYR B 257 19.26 -12.93 4.20
N PHE B 258 19.94 -12.65 5.30
CA PHE B 258 20.78 -11.48 5.38
C PHE B 258 22.15 -11.89 5.95
N ASP B 259 23.21 -11.67 5.15
CA ASP B 259 24.59 -11.93 5.57
C ASP B 259 25.54 -10.91 4.99
N ASN B 260 25.72 -9.82 5.71
CA ASN B 260 26.66 -8.80 5.32
C ASN B 260 27.03 -7.92 6.49
N ALA B 261 28.24 -8.14 7.02
CA ALA B 261 28.75 -7.41 8.18
C ALA B 261 28.89 -5.93 7.95
N ALA B 262 29.00 -5.54 6.68
CA ALA B 262 29.08 -4.13 6.30
C ALA B 262 27.71 -3.47 5.95
N ALA B 263 26.57 -4.15 6.18
CA ALA B 263 25.25 -3.57 5.84
C ALA B 263 24.25 -3.60 6.99
N ARG B 264 23.36 -2.63 7.03
CA ARG B 264 22.22 -2.67 7.93
C ARG B 264 20.97 -3.30 7.30
N LEU B 265 20.25 -4.03 8.13
CA LEU B 265 18.94 -4.59 7.82
C LEU B 265 17.91 -3.51 7.61
N PRO B 266 16.85 -3.83 6.85
CA PRO B 266 15.73 -2.88 6.68
C PRO B 266 14.90 -2.81 7.92
N ASN B 267 14.06 -1.80 8.01
CA ASN B 267 13.00 -1.78 8.99
C ASN B 267 12.07 -2.94 8.61
N PHE B 268 11.57 -3.64 9.61
CA PHE B 268 10.85 -4.91 9.41
C PHE B 268 9.62 -4.94 10.32
N SER B 269 8.45 -4.60 9.75
CA SER B 269 7.25 -4.38 10.54
C SER B 269 6.00 -4.80 9.81
N GLY B 270 5.15 -5.49 10.52
CA GLY B 270 3.86 -5.92 9.99
C GLY B 270 3.87 -7.07 9.00
N ASN B 271 4.91 -7.89 9.03
CA ASN B 271 5.04 -8.98 8.07
C ASN B 271 4.52 -10.32 8.59
N SER B 272 3.96 -11.12 7.71
CA SER B 272 3.51 -12.48 8.06
C SER B 272 4.45 -13.51 7.50
N GLN B 273 4.88 -14.44 8.36
CA GLN B 273 5.79 -15.52 8.01
C GLN B 273 5.17 -16.85 8.47
N TRP B 274 4.53 -17.55 7.57
CA TRP B 274 3.97 -18.86 7.84
C TRP B 274 4.87 -19.85 7.14
N TYR B 275 5.60 -20.65 7.93
CA TYR B 275 6.59 -21.61 7.38
C TYR B 275 7.62 -20.85 6.58
N GLY B 276 8.05 -19.72 7.14
CA GLY B 276 8.87 -18.73 6.43
C GLY B 276 10.17 -18.39 7.16
N ASP B 277 11.13 -19.30 7.12
CA ASP B 277 12.43 -19.17 7.80
C ASP B 277 13.24 -17.90 7.52
N MET B 278 13.98 -17.50 8.54
CA MET B 278 14.73 -16.28 8.53
C MET B 278 16.13 -16.59 9.10
N LYS B 279 17.17 -16.12 8.40
CA LYS B 279 18.57 -16.27 8.78
C LYS B 279 19.22 -14.91 8.84
N LEU B 280 19.46 -14.41 10.06
CA LEU B 280 20.21 -13.22 10.26
C LEU B 280 21.65 -13.62 10.61
N ILE B 281 22.48 -13.76 9.58
CA ILE B 281 23.82 -14.31 9.73
C ILE B 281 24.85 -13.24 10.16
N ASN B 282 24.78 -12.05 9.60
CA ASN B 282 25.70 -10.99 9.93
C ASN B 282 25.24 -9.66 9.44
N PHE B 283 25.48 -8.62 10.22
CA PHE B 283 25.07 -7.29 9.88
C PHE B 283 25.84 -6.26 10.68
N LEU B 284 25.77 -5.01 10.28
CA LEU B 284 26.60 -3.98 10.84
C LEU B 284 26.33 -3.86 12.34
N PRO B 285 27.37 -3.93 13.17
CA PRO B 285 27.17 -3.92 14.63
C PRO B 285 26.57 -2.64 15.21
N ASP B 286 26.75 -1.48 14.58
CA ASP B 286 26.16 -0.23 15.08
C ASP B 286 24.70 -0.11 14.65
N SER B 287 23.88 -1.03 15.13
CA SER B 287 22.47 -1.03 14.83
C SER B 287 21.82 -2.04 15.72
N THR B 288 20.52 -1.96 15.78
CA THR B 288 19.69 -3.02 16.30
C THR B 288 18.76 -3.42 15.16
N PHE B 289 18.09 -4.54 15.35
CA PHE B 289 17.10 -5.04 14.45
C PHE B 289 15.91 -5.53 15.25
N VAL B 290 14.70 -5.24 14.76
CA VAL B 290 13.49 -5.61 15.46
C VAL B 290 12.58 -6.31 14.45
N ILE B 291 12.08 -7.47 14.82
CA ILE B 291 10.98 -8.08 14.11
C ILE B 291 9.75 -7.55 14.79
N ASN B 292 9.10 -6.57 14.18
CA ASN B 292 8.02 -5.85 14.82
C ASN B 292 6.68 -6.21 14.24
N GLY B 293 5.68 -6.42 15.07
CA GLY B 293 4.31 -6.61 14.63
C GLY B 293 4.12 -7.72 13.62
N GLY B 294 4.81 -8.84 13.83
CA GLY B 294 4.74 -9.94 12.87
C GLY B 294 3.86 -11.09 13.32
N ALA B 295 3.58 -11.99 12.38
CA ALA B 295 2.93 -13.24 12.67
C ALA B 295 3.93 -14.31 12.28
N LEU B 296 4.32 -15.13 13.27
CA LEU B 296 5.41 -16.10 13.11
C LEU B 296 4.87 -17.52 13.42
N TYR B 297 4.60 -18.30 12.39
CA TYR B 297 3.96 -19.59 12.53
C TYR B 297 4.82 -20.61 11.88
N GLY B 298 5.10 -21.67 12.61
CA GLY B 298 5.94 -22.75 12.12
C GLY B 298 5.72 -24.05 12.84
N GLY B 299 6.65 -24.98 12.61
CA GLY B 299 6.56 -26.35 13.16
C GLY B 299 5.46 -27.15 12.47
N PRO B 300 5.42 -28.49 12.68
CA PRO B 300 6.34 -29.28 13.50
C PRO B 300 7.69 -29.51 12.81
N GLY B 301 8.70 -29.78 13.62
CA GLY B 301 10.06 -29.88 13.15
C GLY B 301 10.63 -28.49 12.98
N ASP B 302 11.71 -28.40 12.23
CA ASP B 302 12.41 -27.15 12.00
C ASP B 302 11.88 -26.51 10.72
N THR B 303 10.63 -26.09 10.75
CA THR B 303 10.02 -25.41 9.59
C THR B 303 9.58 -24.00 10.01
N GLY B 304 10.04 -22.98 9.29
CA GLY B 304 9.82 -21.59 9.73
C GLY B 304 10.61 -21.22 10.97
N VAL B 305 11.91 -21.48 10.93
CA VAL B 305 12.79 -21.13 12.03
C VAL B 305 13.27 -19.70 11.82
N ILE B 306 13.27 -18.93 12.88
CA ILE B 306 13.98 -17.64 12.89
C ILE B 306 15.27 -17.84 13.70
N ALA B 307 16.41 -17.63 13.04
CA ALA B 307 17.71 -17.82 13.66
C ALA B 307 18.61 -16.60 13.44
N VAL B 308 19.28 -16.21 14.51
CA VAL B 308 20.22 -15.11 14.54
C VAL B 308 21.57 -15.62 15.01
N ALA B 309 22.65 -15.08 14.43
CA ALA B 309 24.02 -15.39 14.88
C ALA B 309 24.19 -15.02 16.35
N THR B 310 24.74 -15.94 17.15
CA THR B 310 24.87 -15.71 18.62
C THR B 310 25.64 -14.44 18.92
N ALA B 311 26.65 -14.14 18.10
CA ALA B 311 27.42 -12.90 18.26
C ALA B 311 26.60 -11.63 18.19
N LEU B 312 25.50 -11.65 17.42
CA LEU B 312 24.66 -10.47 17.22
C LEU B 312 23.31 -10.56 17.91
N ALA B 313 23.05 -11.69 18.57
CA ALA B 313 21.74 -11.95 19.13
C ALA B 313 21.19 -10.86 20.05
N ALA B 314 22.08 -10.26 20.83
CA ALA B 314 21.69 -9.28 21.82
C ALA B 314 21.17 -8.01 21.16
N LYS B 315 21.50 -7.82 19.89
CA LYS B 315 21.02 -6.66 19.13
C LYS B 315 19.69 -6.92 18.41
N VAL B 316 19.12 -8.11 18.55
CA VAL B 316 17.87 -8.48 17.85
C VAL B 316 16.71 -8.60 18.85
N PHE B 317 15.56 -8.01 18.48
CA PHE B 317 14.36 -8.00 19.30
C PHE B 317 13.16 -8.49 18.51
N VAL B 318 12.23 -9.14 19.20
CA VAL B 318 11.00 -9.64 18.59
C VAL B 318 9.88 -8.98 19.38
N ILE B 319 9.26 -7.96 18.79
CA ILE B 319 8.35 -7.08 19.52
C ILE B 319 6.96 -7.04 18.91
N GLY B 320 5.96 -7.34 19.73
CA GLY B 320 4.57 -7.29 19.34
C GLY B 320 4.23 -8.32 18.31
N CYS B 321 4.92 -9.45 18.33
CA CYS B 321 4.66 -10.54 17.41
C CYS B 321 3.73 -11.57 17.98
N GLN B 322 2.91 -12.14 17.10
CA GLN B 322 2.06 -13.26 17.43
C GLN B 322 2.61 -14.49 16.77
N GLY B 323 2.20 -15.64 17.25
CA GLY B 323 2.61 -16.90 16.67
C GLY B 323 2.18 -18.11 17.45
N ASN B 324 2.63 -19.27 17.03
CA ASN B 324 2.30 -20.56 17.69
C ASN B 324 3.53 -21.17 18.38
N ALA B 325 3.29 -22.22 19.15
CA ALA B 325 4.35 -22.90 19.92
C ALA B 325 5.37 -23.57 19.00
N GLY B 326 4.90 -24.05 17.84
CA GLY B 326 5.78 -24.66 16.86
C GLY B 326 6.83 -23.75 16.23
N GLN B 327 6.61 -22.44 16.26
CA GLN B 327 7.57 -21.48 15.70
C GLN B 327 8.80 -21.42 16.59
N GLN B 328 9.94 -21.70 16.01
CA GLN B 328 11.20 -21.62 16.72
C GLN B 328 11.91 -20.29 16.53
N ILE B 329 12.36 -19.71 17.65
CA ILE B 329 13.17 -18.53 17.65
C ILE B 329 14.52 -18.93 18.28
N VAL B 330 15.60 -18.80 17.49
CA VAL B 330 16.91 -19.33 17.84
C VAL B 330 17.94 -18.24 18.12
N ASN B 331 18.42 -18.24 19.36
CA ASN B 331 19.55 -17.44 19.87
C ASN B 331 19.17 -16.06 20.34
N VAL B 332 17.95 -15.61 20.06
CA VAL B 332 17.54 -14.29 20.55
C VAL B 332 17.34 -14.45 22.05
N PRO B 333 17.95 -13.59 22.86
CA PRO B 333 17.70 -13.69 24.31
C PRO B 333 16.22 -13.51 24.69
N ALA B 334 15.77 -14.24 25.71
CA ALA B 334 14.39 -14.18 26.23
C ALA B 334 13.92 -12.78 26.62
N ALA B 335 14.83 -11.98 27.16
CA ALA B 335 14.51 -10.59 27.53
C ALA B 335 14.18 -9.72 26.30
N ASN B 336 14.63 -10.15 25.09
CA ASN B 336 14.43 -9.40 23.86
C ASN B 336 13.12 -9.74 23.09
N ILE B 337 12.31 -10.64 23.64
CA ILE B 337 11.11 -11.13 23.00
C ILE B 337 9.91 -10.72 23.86
N ILE B 338 9.17 -9.69 23.41
CA ILE B 338 8.06 -9.11 24.16
C ILE B 338 6.87 -8.85 23.25
N PRO B 339 5.74 -9.56 23.45
CA PRO B 339 5.49 -10.67 24.35
C PRO B 339 6.13 -11.97 23.89
N GLU B 340 6.12 -12.95 24.76
CA GLU B 340 6.57 -14.29 24.43
C GLU B 340 5.82 -14.84 23.20
N VAL B 341 6.55 -15.43 22.28
CA VAL B 341 5.97 -15.99 21.07
C VAL B 341 6.81 -17.18 20.67
N GLY B 342 6.18 -18.27 20.27
CA GLY B 342 6.92 -19.45 19.84
C GLY B 342 7.69 -20.14 20.94
N THR B 343 8.67 -20.93 20.54
CA THR B 343 9.55 -21.64 21.45
C THR B 343 10.95 -21.11 21.24
N ARG B 344 11.47 -20.50 22.29
CA ARG B 344 12.78 -19.93 22.28
C ARG B 344 13.81 -21.04 22.49
N LYS B 345 14.94 -20.96 21.80
CA LYS B 345 15.94 -22.03 21.82
C LYS B 345 17.31 -21.42 21.61
N ASP B 346 18.35 -22.07 22.15
CA ASP B 346 19.74 -21.69 21.88
C ASP B 346 20.40 -22.77 21.05
N ASP B 347 21.07 -22.36 19.98
CA ASP B 347 21.77 -23.29 19.08
C ASP B 347 22.73 -22.50 18.23
N ALA B 348 24.00 -22.51 18.62
CA ALA B 348 25.04 -21.79 17.94
C ALA B 348 25.43 -22.34 16.56
N THR B 349 24.93 -23.50 16.17
CA THR B 349 25.14 -23.98 14.80
C THR B 349 24.19 -23.30 13.83
N GLN B 350 23.20 -22.56 14.36
CA GLN B 350 22.30 -21.80 13.51
C GLN B 350 22.52 -20.31 13.68
N PRO B 351 22.31 -19.54 12.60
CA PRO B 351 22.00 -19.97 11.24
C PRO B 351 23.24 -20.34 10.43
N ALA B 352 23.14 -21.39 9.64
CA ALA B 352 24.20 -21.74 8.69
C ALA B 352 24.07 -20.88 7.44
N ALA B 353 25.19 -20.35 6.95
CA ALA B 353 25.23 -19.67 5.67
C ALA B 353 24.72 -20.59 4.53
N SER C 6 -19.37 -0.56 -34.63
CA SER C 6 -18.36 -0.71 -33.54
C SER C 6 -17.12 -1.47 -34.09
N PRO C 7 -15.90 -0.86 -34.05
CA PRO C 7 -14.69 -1.64 -34.40
C PRO C 7 -14.46 -2.80 -33.40
N PRO C 8 -13.69 -3.86 -33.79
CA PRO C 8 -13.34 -4.91 -32.80
C PRO C 8 -12.71 -4.33 -31.51
N GLY C 9 -13.13 -4.89 -30.39
CA GLY C 9 -12.78 -4.41 -29.06
C GLY C 9 -13.75 -3.41 -28.43
N THR C 10 -14.69 -2.79 -29.14
CA THR C 10 -15.61 -1.82 -28.51
C THR C 10 -16.96 -2.46 -28.30
N LEU C 11 -17.55 -2.19 -27.14
CA LEU C 11 -18.84 -2.75 -26.76
C LEU C 11 -19.73 -1.57 -26.47
N LEU C 12 -20.80 -1.42 -27.26
CA LEU C 12 -21.72 -0.30 -27.13
C LEU C 12 -22.86 -0.66 -26.20
N PRO C 13 -23.51 0.34 -25.59
CA PRO C 13 -24.71 0.06 -24.80
C PRO C 13 -25.78 -0.61 -25.66
N GLY C 14 -26.48 -1.59 -25.10
CA GLY C 14 -27.50 -2.31 -25.84
C GLY C 14 -27.00 -3.51 -26.63
N GLN C 15 -25.71 -3.56 -26.98
CA GLN C 15 -25.14 -4.78 -27.58
C GLN C 15 -25.00 -5.87 -26.54
N SER C 16 -24.82 -7.09 -27.02
CA SER C 16 -24.69 -8.25 -26.16
C SER C 16 -23.29 -8.28 -25.54
N PRO C 17 -23.20 -8.15 -24.19
CA PRO C 17 -21.89 -8.27 -23.55
C PRO C 17 -21.27 -9.64 -23.70
N ASP C 18 -22.10 -10.67 -23.56
CA ASP C 18 -21.60 -12.07 -23.64
C ASP C 18 -20.87 -12.32 -24.94
N GLU C 19 -21.44 -11.86 -26.05
CA GLU C 19 -20.83 -12.07 -27.36
C GLU C 19 -19.54 -11.28 -27.48
N ALA C 20 -19.56 -10.04 -26.98
CA ALA C 20 -18.36 -9.19 -27.02
C ALA C 20 -17.21 -9.85 -26.23
N PHE C 21 -17.52 -10.33 -25.03
CA PHE C 21 -16.50 -10.94 -24.18
C PHE C 21 -15.97 -12.24 -24.75
N ALA C 22 -16.86 -13.04 -25.34
CA ALA C 22 -16.43 -14.32 -25.93
C ALA C 22 -15.55 -14.13 -27.18
N ARG C 23 -15.74 -13.03 -27.91
CA ARG C 23 -15.03 -12.78 -29.18
C ARG C 23 -13.75 -11.95 -29.06
N ASN C 24 -13.55 -11.27 -27.93
CA ASN C 24 -12.39 -10.37 -27.73
C ASN C 24 -11.58 -10.72 -26.51
N SER C 25 -10.27 -10.55 -26.59
CA SER C 25 -9.43 -10.67 -25.40
C SER C 25 -9.47 -9.35 -24.56
N VAL C 26 -9.68 -8.21 -25.23
CA VAL C 26 -9.79 -6.91 -24.58
C VAL C 26 -10.98 -6.13 -25.15
N VAL C 27 -11.74 -5.49 -24.26
CA VAL C 27 -12.93 -4.73 -24.62
C VAL C 27 -12.93 -3.35 -23.97
N PHE C 28 -13.23 -2.34 -24.76
CA PHE C 28 -13.30 -0.96 -24.33
C PHE C 28 -14.76 -0.54 -24.34
N LEU C 29 -15.24 0.02 -23.23
CA LEU C 29 -16.58 0.58 -23.19
C LEU C 29 -16.57 2.01 -23.67
N VAL C 30 -17.78 2.50 -23.99
CA VAL C 30 -17.96 3.88 -24.46
C VAL C 30 -17.75 4.78 -23.26
N PRO C 31 -16.75 5.69 -23.35
CA PRO C 31 -16.45 6.55 -22.20
C PRO C 31 -17.64 7.28 -21.62
N GLY C 32 -17.87 7.08 -20.33
CA GLY C 32 -18.98 7.75 -19.65
C GLY C 32 -20.37 7.28 -19.99
N ALA C 33 -20.52 6.25 -20.83
CA ALA C 33 -21.84 5.75 -21.19
C ALA C 33 -22.52 4.92 -20.07
N GLU C 34 -23.84 4.78 -20.17
CA GLU C 34 -24.62 4.02 -19.24
C GLU C 34 -25.02 2.68 -19.89
N TYR C 35 -24.59 1.59 -19.28
CA TYR C 35 -24.96 0.24 -19.71
C TYR C 35 -25.96 -0.35 -18.76
N ASN C 36 -26.64 -1.41 -19.19
CA ASN C 36 -27.65 -2.08 -18.37
C ASN C 36 -27.49 -3.59 -18.57
N TRP C 37 -26.89 -4.26 -17.57
CA TRP C 37 -26.49 -5.64 -17.72
C TRP C 37 -27.03 -6.46 -16.57
N LYS C 38 -27.28 -7.73 -16.88
CA LYS C 38 -27.86 -8.66 -15.94
C LYS C 38 -27.38 -10.05 -16.32
N ASN C 39 -26.79 -10.77 -15.36
CA ASN C 39 -26.36 -12.13 -15.58
C ASN C 39 -25.51 -12.35 -16.83
N VAL C 40 -24.57 -11.44 -17.05
CA VAL C 40 -23.63 -11.58 -18.14
C VAL C 40 -22.65 -12.67 -17.73
N VAL C 41 -22.17 -13.44 -18.71
CA VAL C 41 -21.36 -14.58 -18.44
C VAL C 41 -20.04 -14.42 -19.18
N ILE C 42 -18.93 -14.57 -18.45
CA ILE C 42 -17.61 -14.51 -18.99
C ILE C 42 -17.01 -15.87 -18.75
N ARG C 43 -16.54 -16.53 -19.81
CA ARG C 43 -16.02 -17.92 -19.72
C ARG C 43 -14.56 -18.02 -20.05
N LYS C 44 -13.94 -16.93 -20.48
CA LYS C 44 -12.54 -16.90 -20.87
C LYS C 44 -11.92 -15.58 -20.40
N PRO C 45 -10.60 -15.55 -20.18
CA PRO C 45 -10.02 -14.28 -19.71
C PRO C 45 -10.31 -13.15 -20.68
N VAL C 46 -10.66 -12.02 -20.14
CA VAL C 46 -10.90 -10.84 -20.94
C VAL C 46 -10.58 -9.64 -20.05
N TRP C 47 -10.07 -8.57 -20.66
CA TRP C 47 -9.85 -7.32 -19.94
C TRP C 47 -10.91 -6.37 -20.37
N ILE C 48 -11.48 -5.68 -19.41
CA ILE C 48 -12.45 -4.65 -19.67
C ILE C 48 -11.93 -3.31 -19.20
N TYR C 49 -11.75 -2.39 -20.14
CA TYR C 49 -11.44 -1.00 -19.86
C TYR C 49 -12.75 -0.26 -19.80
N GLY C 50 -13.18 0.06 -18.60
CA GLY C 50 -14.48 0.66 -18.39
C GLY C 50 -14.61 2.11 -18.84
N ASN C 51 -13.47 2.84 -18.87
CA ASN C 51 -13.45 4.24 -19.35
C ASN C 51 -14.48 5.15 -18.68
N GLY C 52 -14.73 4.96 -17.40
CA GLY C 52 -15.68 5.82 -16.70
C GLY C 52 -17.16 5.53 -16.95
N ALA C 53 -17.46 4.40 -17.64
CA ALA C 53 -18.86 4.00 -17.87
C ALA C 53 -19.53 3.55 -16.58
N THR C 54 -20.85 3.42 -16.64
CA THR C 54 -21.66 2.99 -15.52
C THR C 54 -22.49 1.77 -15.97
N VAL C 55 -22.64 0.79 -15.10
CA VAL C 55 -23.41 -0.41 -15.37
C VAL C 55 -24.50 -0.47 -14.33
N LYS C 56 -25.74 -0.34 -14.79
CA LYS C 56 -26.94 -0.56 -13.95
C LYS C 56 -27.48 -1.94 -14.25
N THR C 57 -28.46 -2.34 -13.44
CA THR C 57 -29.01 -3.68 -13.54
C THR C 57 -30.44 -3.71 -13.01
N SER C 58 -31.06 -4.87 -13.12
CA SER C 58 -32.37 -5.10 -12.52
C SER C 58 -32.49 -6.58 -12.17
N GLY C 59 -33.49 -6.88 -11.33
CA GLY C 59 -33.82 -8.25 -11.01
C GLY C 59 -32.78 -8.92 -10.12
N LEU C 60 -32.55 -10.21 -10.36
CA LEU C 60 -31.62 -10.97 -9.55
C LEU C 60 -30.26 -10.96 -10.17
N GLY C 61 -29.26 -10.60 -9.36
CA GLY C 61 -27.87 -10.49 -9.83
C GLY C 61 -27.34 -11.87 -9.99
N PRO C 62 -26.05 -12.01 -10.26
CA PRO C 62 -25.10 -10.94 -10.39
C PRO C 62 -25.21 -10.19 -11.70
N ILE C 63 -24.61 -9.00 -11.75
CA ILE C 63 -24.42 -8.30 -13.01
C ILE C 63 -23.51 -9.10 -13.94
N ILE C 64 -22.41 -9.65 -13.39
CA ILE C 64 -21.50 -10.51 -14.18
C ILE C 64 -21.12 -11.79 -13.44
N HIS C 65 -21.21 -12.94 -14.13
CA HIS C 65 -20.79 -14.27 -13.64
C HIS C 65 -19.45 -14.47 -14.31
N ILE C 66 -18.40 -14.78 -13.57
CA ILE C 66 -17.11 -15.00 -14.21
C ILE C 66 -16.63 -16.40 -13.86
N MET C 67 -16.53 -17.25 -14.88
CA MET C 67 -16.11 -18.64 -14.72
C MET C 67 -14.63 -18.66 -15.03
N GLY C 68 -13.83 -18.77 -13.99
CA GLY C 68 -12.40 -18.68 -14.11
C GLY C 68 -11.78 -19.98 -14.57
N ASP C 69 -10.61 -19.83 -15.16
CA ASP C 69 -9.80 -20.90 -15.67
C ASP C 69 -8.46 -20.74 -14.95
N LEU C 70 -8.26 -21.51 -13.89
CA LEU C 70 -7.00 -21.41 -13.15
C LEU C 70 -5.78 -21.84 -13.98
N ASP C 71 -5.98 -22.74 -14.94
CA ASP C 71 -4.92 -23.14 -15.88
C ASP C 71 -4.37 -21.98 -16.74
N ASN C 72 -5.22 -20.99 -17.06
CA ASN C 72 -4.88 -19.99 -18.08
C ASN C 72 -4.07 -18.87 -17.44
N PRO C 73 -2.88 -18.55 -17.99
CA PRO C 73 -2.08 -17.50 -17.37
C PRO C 73 -2.70 -16.10 -17.42
N MET C 74 -3.51 -15.76 -18.44
CA MET C 74 -4.14 -14.42 -18.52
C MET C 74 -5.23 -14.28 -17.44
N ASP C 75 -5.30 -13.08 -16.84
CA ASP C 75 -6.31 -12.75 -15.85
C ASP C 75 -7.49 -12.05 -16.50
N VAL C 76 -8.63 -12.16 -15.84
CA VAL C 76 -9.72 -11.22 -16.11
C VAL C 76 -9.30 -9.92 -15.42
N ARG C 77 -9.45 -8.80 -16.10
CA ARG C 77 -9.14 -7.52 -15.51
C ARG C 77 -10.30 -6.62 -15.77
N ILE C 78 -10.78 -5.93 -14.73
CA ILE C 78 -11.83 -4.94 -14.86
C ILE C 78 -11.36 -3.63 -14.23
N GLN C 79 -11.26 -2.58 -15.05
CA GLN C 79 -10.77 -1.29 -14.61
C GLN C 79 -11.79 -0.20 -14.89
N ASP C 80 -11.88 0.76 -13.98
CA ASP C 80 -12.48 2.11 -14.25
C ASP C 80 -13.96 2.05 -14.58
N LEU C 81 -14.67 1.19 -13.87
CA LEU C 81 -16.06 0.91 -14.18
C LEU C 81 -16.89 1.08 -12.92
N THR C 82 -18.05 1.70 -13.03
CA THR C 82 -18.94 1.88 -11.89
C THR C 82 -20.13 0.91 -12.02
N PHE C 83 -20.45 0.24 -10.92
CA PHE C 83 -21.57 -0.72 -10.87
C PHE C 83 -22.58 -0.23 -9.88
N ILE C 84 -23.82 -0.16 -10.30
CA ILE C 84 -24.91 0.34 -9.47
C ILE C 84 -25.89 -0.78 -9.29
N GLY C 85 -26.16 -1.11 -8.03
CA GLY C 85 -26.97 -2.27 -7.69
C GLY C 85 -28.41 -1.94 -7.39
N GLY C 86 -28.76 -0.66 -7.35
CA GLY C 86 -30.07 -0.23 -6.92
C GLY C 86 -30.01 1.19 -6.41
N ASP C 87 -31.11 1.62 -5.79
CA ASP C 87 -31.17 2.93 -5.13
C ASP C 87 -30.68 2.75 -3.71
N SER C 88 -30.55 3.85 -2.97
CA SER C 88 -29.95 3.78 -1.62
C SER C 88 -30.63 2.70 -0.77
N PRO C 89 -29.86 1.99 0.05
CA PRO C 89 -30.28 0.67 0.54
C PRO C 89 -31.40 0.69 1.59
N ASP C 90 -32.10 -0.44 1.75
CA ASP C 90 -33.04 -0.64 2.89
C ASP C 90 -32.29 -1.39 3.98
N ARG C 91 -31.76 -0.64 4.93
CA ARG C 91 -30.84 -1.22 5.90
C ARG C 91 -31.51 -2.11 6.95
N LEU C 92 -32.84 -1.97 7.11
CA LEU C 92 -33.60 -2.71 8.13
C LEU C 92 -34.17 -4.03 7.65
N VAL C 93 -34.06 -4.30 6.36
CA VAL C 93 -34.51 -5.59 5.82
C VAL C 93 -33.64 -6.72 6.38
N PRO C 94 -34.26 -7.82 6.85
CA PRO C 94 -33.42 -8.97 7.25
C PRO C 94 -32.65 -9.55 6.09
N PHE C 95 -31.40 -9.96 6.34
CA PHE C 95 -30.61 -10.57 5.29
C PHE C 95 -31.04 -12.04 5.18
N SER C 96 -31.02 -12.55 3.97
CA SER C 96 -31.50 -13.90 3.64
C SER C 96 -30.77 -14.45 2.40
N ALA C 97 -30.91 -15.75 2.17
CA ALA C 97 -30.34 -16.39 1.00
C ALA C 97 -30.69 -15.74 -0.30
N VAL C 98 -31.91 -15.20 -0.40
CA VAL C 98 -32.32 -14.59 -1.67
C VAL C 98 -31.47 -13.35 -1.98
N LEU C 99 -31.17 -12.54 -0.97
CA LEU C 99 -30.43 -11.31 -1.19
C LEU C 99 -28.96 -11.59 -1.52
N THR C 100 -28.44 -12.82 -1.24
CA THR C 100 -27.07 -13.13 -1.58
C THR C 100 -26.82 -13.09 -3.07
N ASN C 101 -27.87 -13.08 -3.88
CA ASN C 101 -27.72 -12.94 -5.33
C ASN C 101 -27.49 -11.50 -5.81
N GLN C 102 -27.74 -10.51 -4.97
CA GLN C 102 -27.64 -9.10 -5.36
C GLN C 102 -26.18 -8.63 -5.30
N MET C 103 -25.44 -9.08 -6.30
CA MET C 103 -24.01 -8.90 -6.46
C MET C 103 -23.71 -8.15 -7.74
N ALA C 104 -22.55 -7.52 -7.79
CA ALA C 104 -22.02 -6.98 -9.03
C ALA C 104 -21.21 -8.08 -9.71
N LEU C 105 -20.26 -8.68 -9.00
CA LEU C 105 -19.40 -9.70 -9.59
C LEU C 105 -19.40 -10.97 -8.78
N TRP C 106 -19.67 -12.08 -9.45
CA TRP C 106 -19.59 -13.40 -8.89
C TRP C 106 -18.57 -14.12 -9.71
N CYS C 107 -17.44 -14.46 -9.09
CA CYS C 107 -16.34 -15.09 -9.79
C CYS C 107 -16.04 -16.41 -9.16
N ILE C 108 -15.88 -17.45 -9.97
CA ILE C 108 -15.54 -18.76 -9.45
C ILE C 108 -14.18 -19.06 -10.00
N ASP C 109 -13.35 -19.67 -9.17
CA ASP C 109 -11.98 -20.01 -9.53
C ASP C 109 -11.23 -18.81 -10.12
N PRO C 110 -11.19 -17.70 -9.36
CA PRO C 110 -10.83 -16.40 -9.95
C PRO C 110 -9.34 -16.18 -10.14
N ARG C 111 -9.00 -15.63 -11.30
CA ARG C 111 -7.72 -15.05 -11.54
C ARG C 111 -8.13 -13.70 -12.07
N ILE C 112 -8.21 -12.74 -11.18
CA ILE C 112 -8.87 -11.49 -11.48
C ILE C 112 -8.19 -10.28 -10.83
N THR C 113 -8.26 -9.17 -11.57
CA THR C 113 -7.80 -7.89 -11.09
C THR C 113 -8.93 -6.93 -11.24
N ILE C 114 -9.29 -6.28 -10.15
CA ILE C 114 -10.33 -5.25 -10.14
C ILE C 114 -9.68 -3.98 -9.58
N ARG C 115 -9.59 -2.95 -10.40
CA ARG C 115 -8.83 -1.75 -10.11
C ARG C 115 -9.64 -0.52 -10.49
N GLY C 116 -9.77 0.41 -9.57
CA GLY C 116 -10.40 1.72 -9.89
C GLY C 116 -11.89 1.65 -10.19
N CYS C 117 -12.57 0.65 -9.65
CA CYS C 117 -14.02 0.48 -9.87
C CYS C 117 -14.79 1.01 -8.68
N SER C 118 -16.08 1.27 -8.86
CA SER C 118 -16.95 1.68 -7.77
C SER C 118 -18.20 0.82 -7.75
N PHE C 119 -18.69 0.55 -6.55
CA PHE C 119 -19.82 -0.35 -6.31
C PHE C 119 -20.79 0.34 -5.36
N TYR C 120 -22.01 0.56 -5.84
CA TYR C 120 -23.04 1.32 -5.09
C TYR C 120 -24.25 0.45 -4.87
N ASN C 121 -24.68 0.39 -3.62
CA ASN C 121 -26.02 -0.12 -3.24
C ASN C 121 -26.32 -1.55 -3.69
N PHE C 122 -25.44 -2.47 -3.34
CA PHE C 122 -25.69 -3.88 -3.57
C PHE C 122 -26.33 -4.52 -2.34
N GLY C 123 -27.40 -5.28 -2.57
CA GLY C 123 -28.17 -5.91 -1.51
C GLY C 123 -27.44 -7.11 -0.92
N GLY C 124 -26.50 -7.67 -1.67
CA GLY C 124 -25.60 -8.71 -1.17
C GLY C 124 -24.16 -8.20 -1.15
N ALA C 125 -23.23 -9.10 -1.48
CA ALA C 125 -21.82 -8.76 -1.63
C ALA C 125 -21.62 -8.11 -2.98
N ALA C 126 -20.96 -6.95 -3.01
CA ALA C 126 -20.68 -6.33 -4.30
C ALA C 126 -19.78 -7.25 -5.10
N ILE C 127 -18.79 -7.87 -4.45
CA ILE C 127 -17.89 -8.81 -5.09
C ILE C 127 -17.85 -10.11 -4.29
N TYR C 128 -18.08 -11.22 -4.97
CA TYR C 128 -18.06 -12.52 -4.34
C TYR C 128 -17.14 -13.43 -5.13
N LEU C 129 -16.19 -14.02 -4.44
CA LEU C 129 -15.20 -14.90 -5.04
C LEU C 129 -15.33 -16.26 -4.38
N GLU C 130 -15.38 -17.32 -5.18
CA GLU C 130 -15.46 -18.66 -4.64
C GLU C 130 -14.66 -19.62 -5.44
N ARG C 131 -14.46 -20.77 -4.87
CA ARG C 131 -13.65 -21.79 -5.45
C ARG C 131 -14.60 -22.98 -5.65
N SER C 132 -14.52 -23.63 -6.81
CA SER C 132 -15.38 -24.79 -7.12
C SER C 132 -14.98 -26.09 -6.38
N GLU C 133 -13.83 -26.11 -5.71
CA GLU C 133 -13.21 -27.31 -5.15
C GLU C 133 -12.09 -26.89 -4.18
N ARG C 134 -11.91 -27.58 -3.06
CA ARG C 134 -10.75 -27.29 -2.15
C ARG C 134 -9.37 -27.48 -2.79
N ASP C 135 -8.42 -26.61 -2.45
CA ASP C 135 -7.01 -26.89 -2.68
C ASP C 135 -6.49 -27.67 -1.50
N GLY C 141 -2.54 -21.43 -4.23
CA GLY C 141 -3.21 -20.18 -4.62
C GLY C 141 -2.60 -19.48 -5.84
N ARG C 142 -2.33 -20.24 -6.91
CA ARG C 142 -1.83 -19.67 -8.21
C ARG C 142 -2.84 -18.81 -9.01
N GLY C 143 -4.10 -18.79 -8.58
CA GLY C 143 -5.08 -17.85 -9.08
C GLY C 143 -5.01 -16.59 -8.23
N GLN C 144 -4.27 -15.60 -8.70
CA GLN C 144 -3.91 -14.42 -7.93
C GLN C 144 -5.14 -13.47 -8.02
N VAL C 145 -5.54 -12.86 -6.90
CA VAL C 145 -6.65 -11.89 -6.89
C VAL C 145 -6.14 -10.57 -6.39
N MET C 146 -6.45 -9.50 -7.11
CA MET C 146 -6.09 -8.14 -6.72
C MET C 146 -7.32 -7.24 -6.81
N ILE C 147 -7.70 -6.66 -5.68
CA ILE C 147 -8.75 -5.64 -5.65
C ILE C 147 -8.15 -4.38 -5.01
N THR C 148 -7.94 -3.33 -5.81
CA THR C 148 -7.32 -2.10 -5.31
C THR C 148 -7.99 -0.87 -5.84
N ASP C 149 -7.88 0.22 -5.07
CA ASP C 149 -8.38 1.55 -5.48
C ASP C 149 -9.88 1.53 -5.84
N CYS C 150 -10.69 0.68 -5.20
CA CYS C 150 -12.12 0.66 -5.45
C CYS C 150 -12.89 1.33 -4.37
N ARG C 151 -14.08 1.79 -4.70
CA ARG C 151 -14.98 2.45 -3.74
C ARG C 151 -16.24 1.60 -3.58
N PHE C 152 -16.71 1.51 -2.34
CA PHE C 152 -17.87 0.74 -1.98
C PHE C 152 -18.70 1.64 -1.12
N ARG C 153 -19.97 1.79 -1.51
CA ARG C 153 -20.86 2.68 -0.79
C ARG C 153 -22.27 2.12 -0.81
N GLY C 154 -22.91 2.05 0.36
CA GLY C 154 -24.26 1.54 0.44
C GLY C 154 -24.44 0.04 0.24
N CYS C 155 -23.36 -0.76 0.29
CA CYS C 155 -23.47 -2.19 0.03
C CYS C 155 -23.64 -2.94 1.36
N ARG C 156 -24.37 -4.05 1.30
CA ARG C 156 -24.59 -4.89 2.47
C ARG C 156 -23.21 -5.47 2.87
N ILE C 157 -22.55 -6.08 1.90
CA ILE C 157 -21.24 -6.60 2.01
C ILE C 157 -20.40 -6.01 0.89
N GLY C 158 -19.16 -5.67 1.20
CA GLY C 158 -18.22 -5.20 0.16
C GLY C 158 -17.63 -6.32 -0.65
N ILE C 159 -16.76 -7.07 0.02
CA ILE C 159 -16.03 -8.13 -0.61
C ILE C 159 -16.20 -9.39 0.22
N ALA C 160 -16.64 -10.44 -0.44
CA ALA C 160 -16.82 -11.75 0.17
C ALA C 160 -15.88 -12.73 -0.50
N ASN C 161 -14.94 -13.29 0.24
CA ASN C 161 -14.06 -14.30 -0.37
C ASN C 161 -14.33 -15.64 0.24
N GLY C 162 -14.78 -16.57 -0.59
CA GLY C 162 -15.14 -17.92 -0.09
C GLY C 162 -13.91 -18.71 0.29
N GLY C 163 -14.14 -19.91 0.82
CA GLY C 163 -13.05 -20.80 1.17
C GLY C 163 -12.26 -21.17 -0.02
N SER C 164 -10.97 -21.38 0.20
CA SER C 164 -9.97 -21.65 -0.83
C SER C 164 -9.74 -20.57 -1.88
N VAL C 165 -10.35 -19.39 -1.71
CA VAL C 165 -9.92 -18.22 -2.46
C VAL C 165 -8.90 -17.55 -1.53
N GLU C 166 -7.63 -17.80 -1.79
CA GLU C 166 -6.57 -17.48 -0.87
C GLU C 166 -5.54 -16.54 -1.51
N TYR C 167 -4.77 -15.88 -0.66
CA TYR C 167 -3.62 -15.04 -1.07
C TYR C 167 -4.01 -13.87 -1.94
N GLY C 168 -5.22 -13.38 -1.80
CA GLY C 168 -5.63 -12.22 -2.56
C GLY C 168 -5.04 -10.99 -1.87
N LEU C 169 -5.14 -9.88 -2.56
CA LEU C 169 -4.71 -8.60 -2.07
C LEU C 169 -5.91 -7.66 -2.18
N ALA C 170 -6.32 -7.05 -1.08
CA ALA C 170 -7.31 -6.01 -1.13
C ALA C 170 -6.78 -4.82 -0.41
N SER C 171 -6.37 -3.83 -1.18
CA SER C 171 -5.69 -2.69 -0.63
C SER C 171 -6.11 -1.40 -1.24
N GLN C 172 -5.98 -0.33 -0.46
CA GLN C 172 -6.26 1.02 -0.93
C GLN C 172 -7.67 1.19 -1.45
N ASN C 173 -8.60 0.50 -0.83
CA ASN C 173 -10.02 0.65 -1.12
C ASN C 173 -10.65 1.53 -0.07
N ASN C 174 -11.83 2.06 -0.41
CA ASN C 174 -12.56 2.95 0.47
C ASN C 174 -14.00 2.41 0.62
N PHE C 175 -14.45 2.26 1.85
CA PHE C 175 -15.76 1.76 2.18
C PHE C 175 -16.45 2.82 2.99
N SER C 176 -17.71 3.08 2.67
CA SER C 176 -18.57 3.89 3.55
C SER C 176 -20.00 3.41 3.46
N ASP C 177 -20.69 3.43 4.58
CA ASP C 177 -22.10 3.03 4.64
C ASP C 177 -22.30 1.62 4.10
N CYS C 178 -21.51 0.67 4.61
CA CYS C 178 -21.67 -0.72 4.30
C CYS C 178 -21.92 -1.41 5.63
N GLN C 179 -22.64 -2.54 5.65
CA GLN C 179 -22.81 -3.26 6.90
C GLN C 179 -21.53 -4.06 7.24
N ILE C 180 -20.99 -4.77 6.26
CA ILE C 180 -19.81 -5.58 6.43
C ILE C 180 -18.89 -5.28 5.24
N CYS C 181 -17.69 -4.76 5.50
CA CYS C 181 -16.77 -4.48 4.39
C CYS C 181 -16.17 -5.76 3.84
N PHE C 182 -15.58 -6.56 4.72
CA PHE C 182 -14.96 -7.81 4.33
C PHE C 182 -15.65 -8.98 5.04
N ASN C 183 -16.26 -9.83 4.24
CA ASN C 183 -16.87 -11.07 4.71
C ASN C 183 -15.86 -12.16 4.42
N VAL C 184 -15.11 -12.50 5.44
CA VAL C 184 -13.88 -13.27 5.27
C VAL C 184 -14.08 -14.76 5.58
N VAL C 185 -13.81 -15.61 4.58
CA VAL C 185 -13.72 -17.04 4.76
C VAL C 185 -12.36 -17.50 4.30
N GLY C 186 -12.10 -17.41 3.01
CA GLY C 186 -10.81 -17.86 2.48
C GLY C 186 -9.61 -17.22 3.17
N GLY C 187 -8.55 -18.01 3.29
CA GLY C 187 -7.38 -17.64 4.11
C GLY C 187 -6.30 -16.89 3.39
N ASN C 188 -5.43 -16.28 4.17
CA ASN C 188 -4.14 -15.72 3.66
C ASN C 188 -4.23 -14.46 2.82
N TRP C 189 -5.32 -13.71 2.88
CA TRP C 189 -5.37 -12.45 2.14
C TRP C 189 -4.56 -11.39 2.87
N THR C 190 -4.05 -10.45 2.09
CA THR C 190 -3.49 -9.19 2.61
C THR C 190 -4.52 -8.12 2.40
N ARG C 191 -4.90 -7.45 3.48
CA ARG C 191 -5.84 -6.32 3.43
C ARG C 191 -5.16 -5.15 4.11
N SER C 192 -4.70 -4.22 3.27
CA SER C 192 -3.82 -3.18 3.71
C SER C 192 -4.19 -1.83 3.17
N GLY C 193 -4.10 -0.82 4.00
CA GLY C 193 -4.31 0.55 3.55
C GLY C 193 -5.72 0.88 3.13
N ASN C 194 -6.72 0.16 3.66
CA ASN C 194 -8.13 0.41 3.31
C ASN C 194 -8.69 1.41 4.29
N VAL C 195 -9.59 2.27 3.82
CA VAL C 195 -10.24 3.28 4.65
C VAL C 195 -11.73 2.99 4.75
N ALA C 196 -12.22 2.84 5.96
CA ALA C 196 -13.62 2.55 6.17
C ALA C 196 -14.18 3.46 7.23
N SER C 197 -15.33 4.05 6.95
CA SER C 197 -16.05 4.89 7.90
C SER C 197 -17.55 4.64 7.79
N ASN C 198 -18.26 4.76 8.91
CA ASN C 198 -19.70 4.54 8.95
C ASN C 198 -20.11 3.20 8.37
N CYS C 199 -19.42 2.15 8.77
CA CYS C 199 -19.78 0.77 8.43
C CYS C 199 -19.93 0.05 9.76
N ARG C 200 -20.87 -0.88 9.87
CA ARG C 200 -21.02 -1.59 11.13
C ARG C 200 -19.81 -2.48 11.41
N CYS C 201 -19.27 -3.12 10.37
CA CYS C 201 -18.28 -4.14 10.52
C CYS C 201 -17.32 -4.03 9.39
N MET C 202 -16.01 -3.92 9.69
CA MET C 202 -15.00 -3.98 8.64
C MET C 202 -14.62 -5.39 8.29
N TYR C 203 -14.49 -6.23 9.31
CA TYR C 203 -14.00 -7.58 9.13
C TYR C 203 -14.88 -8.53 9.94
N LEU C 204 -15.40 -9.57 9.28
CA LEU C 204 -16.20 -10.62 9.91
C LEU C 204 -15.65 -11.96 9.53
N HIS C 205 -15.34 -12.75 10.53
CA HIS C 205 -15.14 -14.14 10.31
C HIS C 205 -15.72 -14.99 11.43
N THR C 206 -16.46 -16.02 11.03
CA THR C 206 -17.03 -16.97 11.97
C THR C 206 -17.37 -18.25 11.23
N GLN C 207 -17.87 -19.21 11.97
CA GLN C 207 -18.41 -20.43 11.35
C GLN C 207 -19.86 -20.18 10.88
N GLY C 208 -20.27 -20.87 9.84
CA GLY C 208 -21.64 -20.77 9.35
C GLY C 208 -21.95 -19.44 8.73
N MET C 209 -21.11 -19.05 7.77
CA MET C 209 -21.23 -17.73 7.16
C MET C 209 -21.95 -17.83 5.86
N TRP C 210 -22.45 -16.70 5.40
CA TRP C 210 -22.79 -16.58 4.01
C TRP C 210 -21.51 -16.58 3.14
N TYR C 211 -21.66 -16.98 1.88
CA TYR C 211 -20.64 -16.86 0.87
C TYR C 211 -19.38 -17.67 1.19
N GLU C 212 -19.56 -18.82 1.79
CA GLU C 212 -18.44 -19.78 1.93
C GLU C 212 -18.11 -20.46 0.60
N GLY C 213 -19.10 -20.59 -0.26
CA GLY C 213 -18.95 -21.25 -1.57
C GLY C 213 -18.71 -22.73 -1.47
N ALA C 214 -18.43 -23.33 -2.61
CA ALA C 214 -18.36 -24.79 -2.72
C ALA C 214 -17.26 -25.44 -1.87
N ALA C 215 -16.15 -24.73 -1.65
CA ALA C 215 -15.06 -25.24 -0.82
C ALA C 215 -15.36 -25.16 0.68
N GLY C 216 -16.38 -24.40 1.08
CA GLY C 216 -16.78 -24.32 2.48
C GLY C 216 -15.85 -23.47 3.34
N ASN C 217 -16.03 -23.56 4.64
CA ASN C 217 -15.24 -22.80 5.62
C ASN C 217 -13.93 -23.51 5.90
N PHE C 218 -13.01 -23.41 4.96
CA PHE C 218 -11.80 -24.20 4.94
C PHE C 218 -10.53 -23.35 4.99
N ASN C 219 -9.58 -23.76 5.84
CA ASN C 219 -8.29 -23.06 6.04
C ASN C 219 -8.48 -21.51 6.15
N PRO C 220 -9.41 -21.10 7.02
CA PRO C 220 -9.87 -19.73 6.95
C PRO C 220 -8.99 -18.64 7.56
N ALA C 221 -9.22 -17.39 7.11
CA ALA C 221 -8.66 -16.21 7.73
C ALA C 221 -7.09 -16.27 7.80
N HIS C 222 -6.50 -16.10 8.97
CA HIS C 222 -5.07 -16.07 9.20
C HIS C 222 -4.22 -15.30 8.18
N GLY C 223 -4.77 -14.21 7.67
CA GLY C 223 -4.08 -13.42 6.68
C GLY C 223 -3.36 -12.25 7.30
N SER C 224 -3.38 -11.14 6.60
CA SER C 224 -2.72 -9.93 7.07
C SER C 224 -3.66 -8.73 6.99
N PHE C 225 -3.76 -7.98 8.09
CA PHE C 225 -4.68 -6.83 8.20
C PHE C 225 -3.87 -5.68 8.77
N THR C 226 -3.35 -4.84 7.88
CA THR C 226 -2.45 -3.75 8.27
C THR C 226 -2.87 -2.39 7.71
N SER C 227 -2.55 -1.33 8.46
CA SER C 227 -2.66 0.03 8.02
C SER C 227 -4.06 0.39 7.54
N ASN C 228 -5.08 -0.19 8.14
CA ASN C 228 -6.42 0.09 7.80
C ASN C 228 -6.99 1.06 8.83
N THR C 229 -8.04 1.75 8.41
CA THR C 229 -8.82 2.59 9.26
C THR C 229 -10.26 2.07 9.32
N LEU C 230 -10.78 1.87 10.52
CA LEU C 230 -12.17 1.48 10.71
C LEU C 230 -12.80 2.41 11.74
N ASN C 231 -13.47 3.42 11.25
CA ASN C 231 -14.02 4.44 12.13
C ASN C 231 -15.56 4.48 12.16
N HIS C 232 -16.07 4.84 13.34
CA HIS C 232 -17.48 5.09 13.57
C HIS C 232 -18.36 3.89 13.24
N CYS C 233 -17.97 2.74 13.79
CA CYS C 233 -18.66 1.49 13.54
C CYS C 233 -19.92 1.42 14.37
N ASP C 234 -19.80 1.72 15.66
CA ASP C 234 -20.93 1.56 16.60
C ASP C 234 -21.47 2.88 17.11
N TYR C 235 -20.94 3.99 16.61
CA TYR C 235 -21.25 5.30 17.15
C TYR C 235 -20.76 6.36 16.20
N GLY C 236 -21.56 7.42 16.04
CA GLY C 236 -21.13 8.63 15.36
C GLY C 236 -21.06 8.55 13.85
N GLY C 237 -21.80 7.60 13.26
CA GLY C 237 -21.98 7.61 11.82
C GLY C 237 -22.71 6.46 11.19
N ASN C 238 -22.40 5.26 11.64
CA ASN C 238 -23.01 4.08 11.02
C ASN C 238 -24.54 4.00 11.21
N LEU C 239 -25.26 3.66 10.13
CA LEU C 239 -26.73 3.45 10.11
C LEU C 239 -27.21 1.99 9.95
N TRP C 240 -26.34 1.03 9.66
CA TRP C 240 -26.76 -0.37 9.56
C TRP C 240 -26.92 -1.03 10.93
N PRO C 241 -27.86 -1.99 11.05
CA PRO C 241 -28.07 -2.63 12.34
C PRO C 241 -26.92 -3.55 12.77
N THR C 242 -26.75 -3.65 14.08
CA THR C 242 -25.81 -4.54 14.69
C THR C 242 -26.22 -5.99 14.50
N GLU C 243 -27.52 -6.24 14.56
CA GLU C 243 -28.08 -7.58 14.54
C GLU C 243 -28.04 -8.06 13.11
N PHE C 244 -27.50 -9.26 12.90
CA PHE C 244 -27.27 -9.74 11.54
C PHE C 244 -27.54 -11.21 11.43
N GLN C 245 -28.30 -11.58 10.42
CA GLN C 245 -28.80 -12.94 10.24
C GLN C 245 -27.82 -13.76 9.41
N LEU C 246 -27.20 -14.75 10.04
CA LEU C 246 -26.43 -15.77 9.33
C LEU C 246 -27.38 -16.86 8.92
N PRO C 247 -26.93 -17.83 8.10
CA PRO C 247 -27.79 -18.99 7.77
C PRO C 247 -28.52 -19.65 8.96
N ASP C 248 -27.84 -19.92 10.08
CA ASP C 248 -28.42 -20.68 11.22
C ASP C 248 -28.63 -19.92 12.52
N ARG C 249 -28.26 -18.65 12.59
CA ARG C 249 -28.36 -17.90 13.85
C ARG C 249 -28.19 -16.42 13.59
N VAL C 250 -28.54 -15.61 14.58
CA VAL C 250 -28.32 -14.17 14.55
C VAL C 250 -27.03 -13.87 15.34
N ILE C 251 -26.21 -12.93 14.82
CA ILE C 251 -25.06 -12.43 15.58
C ILE C 251 -25.19 -10.95 15.77
N ASN C 252 -24.41 -10.42 16.72
CA ASN C 252 -24.30 -8.97 16.93
C ASN C 252 -22.93 -8.51 16.44
N LEU C 253 -22.94 -7.78 15.33
CA LEU C 253 -21.71 -7.36 14.65
C LEU C 253 -20.86 -6.40 15.48
N ALA C 254 -19.56 -6.40 15.22
CA ALA C 254 -18.64 -5.36 15.70
C ALA C 254 -17.76 -4.94 14.53
N GLY C 255 -17.03 -3.84 14.71
CA GLY C 255 -16.05 -3.35 13.72
C GLY C 255 -15.09 -4.45 13.27
N PHE C 256 -14.66 -5.26 14.22
CA PHE C 256 -13.88 -6.46 13.91
C PHE C 256 -14.47 -7.60 14.75
N TYR C 257 -14.96 -8.63 14.07
CA TYR C 257 -15.69 -9.74 14.69
C TYR C 257 -15.07 -11.08 14.31
N PHE C 258 -14.60 -11.82 15.31
CA PHE C 258 -13.94 -13.07 15.02
C PHE C 258 -14.44 -14.10 16.00
N ASP C 259 -15.05 -15.17 15.48
CA ASP C 259 -15.56 -16.27 16.31
C ASP C 259 -15.43 -17.59 15.58
N ASN C 260 -14.27 -18.23 15.74
CA ASN C 260 -14.05 -19.52 15.17
C ASN C 260 -12.89 -20.22 15.86
N ALA C 261 -13.25 -21.21 16.69
CA ALA C 261 -12.28 -21.98 17.50
C ALA C 261 -11.34 -22.78 16.65
N ALA C 262 -11.72 -23.04 15.41
CA ALA C 262 -10.86 -23.73 14.47
C ALA C 262 -10.02 -22.81 13.53
N ALA C 263 -10.02 -21.50 13.74
CA ALA C 263 -9.26 -20.60 12.84
C ALA C 263 -8.32 -19.65 13.59
N ARG C 264 -7.23 -19.27 12.94
CA ARG C 264 -6.38 -18.23 13.49
C ARG C 264 -6.77 -16.84 12.92
N LEU C 265 -6.62 -15.85 13.79
CA LEU C 265 -6.66 -14.43 13.44
C LEU C 265 -5.57 -13.99 12.49
N PRO C 266 -5.82 -12.92 11.71
CA PRO C 266 -4.77 -12.33 10.90
C PRO C 266 -3.75 -11.61 11.74
N ASN C 267 -2.60 -11.33 11.14
CA ASN C 267 -1.68 -10.33 11.71
C ASN C 267 -2.41 -8.97 11.68
N PHE C 268 -2.27 -8.20 12.74
CA PHE C 268 -3.05 -7.01 12.98
C PHE C 268 -2.14 -5.88 13.48
N SER C 269 -1.74 -5.03 12.55
CA SER C 269 -0.72 -4.04 12.82
C SER C 269 -0.98 -2.74 12.09
N GLY C 270 -0.81 -1.62 12.80
CA GLY C 270 -0.90 -0.29 12.23
C GLY C 270 -2.31 0.19 11.92
N ASN C 271 -3.31 -0.36 12.57
CA ASN C 271 -4.70 -0.04 12.28
C ASN C 271 -5.25 1.02 13.21
N SER C 272 -6.09 1.89 12.69
CA SER C 272 -6.76 2.90 13.50
C SER C 272 -8.20 2.49 13.73
N GLN C 273 -8.63 2.57 14.99
CA GLN C 273 -9.99 2.26 15.41
C GLN C 273 -10.50 3.44 16.25
N TRP C 274 -11.29 4.30 15.64
CA TRP C 274 -11.97 5.40 16.35
C TRP C 274 -13.44 5.04 16.44
N TYR C 275 -13.90 4.75 17.64
CA TYR C 275 -15.29 4.28 17.87
C TYR C 275 -15.55 3.00 17.13
N GLY C 276 -14.59 2.08 17.24
CA GLY C 276 -14.73 0.78 16.59
C GLY C 276 -15.53 -0.02 17.64
N ASP C 277 -15.48 -1.29 17.45
CA ASP C 277 -15.49 -2.17 18.55
C ASP C 277 -14.95 -3.43 17.94
N MET C 278 -14.33 -4.21 18.79
CA MET C 278 -13.71 -5.42 18.39
C MET C 278 -14.20 -6.51 19.37
N LYS C 279 -14.56 -7.66 18.80
CA LYS C 279 -15.00 -8.83 19.54
C LYS C 279 -14.19 -10.03 19.16
N LEU C 280 -13.29 -10.46 20.04
CA LEU C 280 -12.51 -11.66 19.83
C LEU C 280 -13.16 -12.78 20.67
N ILE C 281 -14.09 -13.48 20.06
CA ILE C 281 -14.95 -14.42 20.78
C ILE C 281 -14.28 -15.79 20.91
N ASN C 282 -13.67 -16.27 19.84
CA ASN C 282 -13.02 -17.56 19.86
C ASN C 282 -12.03 -17.72 18.73
N PHE C 283 -10.91 -18.39 18.99
CA PHE C 283 -9.90 -18.63 17.97
C PHE C 283 -9.01 -19.79 18.38
N LEU C 284 -8.24 -20.31 17.44
CA LEU C 284 -7.48 -21.51 17.67
C LEU C 284 -6.49 -21.31 18.83
N PRO C 285 -6.53 -22.20 19.83
CA PRO C 285 -5.72 -21.98 21.04
C PRO C 285 -4.21 -22.04 20.84
N ASP C 286 -3.73 -22.72 19.81
CA ASP C 286 -2.29 -22.75 19.51
C ASP C 286 -1.90 -21.48 18.71
N SER C 287 -2.05 -20.33 19.35
CA SER C 287 -1.67 -19.07 18.75
C SER C 287 -1.76 -18.02 19.79
N THR C 288 -1.21 -16.86 19.48
CA THR C 288 -1.44 -15.67 20.23
C THR C 288 -2.00 -14.68 19.21
N PHE C 289 -2.47 -13.55 19.75
CA PHE C 289 -2.93 -12.45 18.96
C PHE C 289 -2.43 -11.14 19.58
N VAL C 290 -2.00 -10.23 18.74
CA VAL C 290 -1.45 -8.92 19.16
C VAL C 290 -2.17 -7.85 18.40
N ILE C 291 -2.72 -6.88 19.12
CA ILE C 291 -3.12 -5.67 18.52
C ILE C 291 -1.85 -4.82 18.59
N ASN C 292 -1.19 -4.69 17.44
CA ASN C 292 0.09 -4.03 17.37
C ASN C 292 -0.02 -2.65 16.72
N GLY C 293 0.60 -1.64 17.32
CA GLY C 293 0.78 -0.35 16.65
C GLY C 293 -0.53 0.28 16.20
N GLY C 294 -1.54 0.20 17.05
CA GLY C 294 -2.84 0.72 16.74
C GLY C 294 -3.13 2.04 17.42
N ALA C 295 -4.17 2.69 16.95
CA ALA C 295 -4.72 3.85 17.62
C ALA C 295 -6.11 3.46 18.04
N LEU C 296 -6.37 3.49 19.34
CA LEU C 296 -7.62 2.97 19.93
C LEU C 296 -8.30 4.10 20.67
N TYR C 297 -9.34 4.65 20.07
CA TYR C 297 -10.03 5.82 20.64
C TYR C 297 -11.50 5.49 20.78
N GLY C 298 -12.04 5.76 21.96
CA GLY C 298 -13.45 5.48 22.24
C GLY C 298 -14.00 6.31 23.37
N GLY C 299 -15.17 5.89 23.85
CA GLY C 299 -15.91 6.59 24.92
C GLY C 299 -16.48 7.91 24.41
N PRO C 300 -17.39 8.55 25.19
CA PRO C 300 -17.89 8.10 26.49
C PRO C 300 -18.93 6.99 26.34
N GLY C 301 -19.08 6.22 27.41
CA GLY C 301 -19.92 5.04 27.39
C GLY C 301 -19.16 3.90 26.75
N ASP C 302 -19.90 2.87 26.35
CA ASP C 302 -19.34 1.67 25.76
C ASP C 302 -19.30 1.82 24.23
N THR C 303 -18.47 2.75 23.75
CA THR C 303 -18.34 2.99 22.32
C THR C 303 -16.89 2.76 21.92
N GLY C 304 -16.66 1.87 20.97
CA GLY C 304 -15.29 1.45 20.67
C GLY C 304 -14.68 0.61 21.77
N VAL C 305 -15.36 -0.46 22.13
CA VAL C 305 -14.86 -1.40 23.10
C VAL C 305 -14.04 -2.47 22.36
N ILE C 306 -12.89 -2.81 22.91
CA ILE C 306 -12.18 -4.03 22.54
C ILE C 306 -12.39 -5.09 23.64
N ALA C 307 -13.01 -6.20 23.27
CA ALA C 307 -13.38 -7.27 24.23
C ALA C 307 -12.95 -8.62 23.72
N VAL C 308 -12.32 -9.37 24.63
CA VAL C 308 -11.80 -10.69 24.37
C VAL C 308 -12.46 -11.65 25.33
N ALA C 309 -12.74 -12.86 24.86
CA ALA C 309 -13.24 -13.93 25.73
C ALA C 309 -12.24 -14.22 26.86
N THR C 310 -12.75 -14.32 28.08
CA THR C 310 -11.86 -14.53 29.24
C THR C 310 -10.99 -15.76 29.06
N ALA C 311 -11.55 -16.80 28.47
CA ALA C 311 -10.82 -18.04 28.24
C ALA C 311 -9.57 -17.89 27.42
N LEU C 312 -9.57 -16.92 26.50
CA LEU C 312 -8.47 -16.69 25.61
C LEU C 312 -7.69 -15.40 25.91
N ALA C 313 -8.09 -14.67 26.94
CA ALA C 313 -7.52 -13.35 27.24
C ALA C 313 -6.03 -13.32 27.44
N ALA C 314 -5.50 -14.38 28.04
CA ALA C 314 -4.08 -14.47 28.30
C ALA C 314 -3.24 -14.60 27.04
N LYS C 315 -3.88 -15.03 25.94
CA LYS C 315 -3.23 -15.14 24.64
C LYS C 315 -3.31 -13.85 23.81
N VAL C 316 -3.92 -12.78 24.34
CA VAL C 316 -4.08 -11.52 23.59
C VAL C 316 -3.22 -10.42 24.21
N PHE C 317 -2.52 -9.69 23.34
CA PHE C 317 -1.68 -8.58 23.75
C PHE C 317 -2.06 -7.31 23.02
N VAL C 318 -1.83 -6.18 23.65
CA VAL C 318 -2.00 -4.89 23.04
C VAL C 318 -0.65 -4.18 23.17
N ILE C 319 0.08 -4.10 22.06
CA ILE C 319 1.46 -3.65 22.07
C ILE C 319 1.69 -2.43 21.15
N GLY C 320 2.29 -1.41 21.71
CA GLY C 320 2.65 -0.22 20.99
C GLY C 320 1.45 0.56 20.51
N CYS C 321 0.32 0.47 21.23
CA CYS C 321 -0.90 1.17 20.86
C CYS C 321 -1.01 2.50 21.57
N GLN C 322 -1.53 3.49 20.87
CA GLN C 322 -1.89 4.76 21.45
C GLN C 322 -3.41 4.82 21.57
N GLY C 323 -3.88 5.71 22.43
CA GLY C 323 -5.31 5.89 22.62
C GLY C 323 -5.66 6.82 23.75
N ASN C 324 -6.95 6.92 24.04
CA ASN C 324 -7.46 7.79 25.10
C ASN C 324 -8.06 6.99 26.26
N ALA C 325 -8.38 7.69 27.34
CA ALA C 325 -8.93 7.06 28.55
C ALA C 325 -10.30 6.46 28.32
N GLY C 326 -11.08 7.06 27.44
CA GLY C 326 -12.41 6.57 27.11
C GLY C 326 -12.46 5.22 26.39
N GLN C 327 -11.35 4.81 25.79
CA GLN C 327 -11.27 3.52 25.12
C GLN C 327 -11.26 2.41 26.18
N GLN C 328 -12.19 1.49 26.06
CA GLN C 328 -12.25 0.35 26.96
C GLN C 328 -11.58 -0.87 26.36
N ILE C 329 -10.75 -1.53 27.18
CA ILE C 329 -10.17 -2.80 26.83
C ILE C 329 -10.68 -3.81 27.89
N VAL C 330 -11.39 -4.84 27.43
CA VAL C 330 -12.09 -5.79 28.30
C VAL C 330 -11.50 -7.20 28.28
N ASN C 331 -11.04 -7.61 29.47
CA ASN C 331 -10.56 -8.95 29.82
C ASN C 331 -9.11 -9.22 29.52
N VAL C 332 -8.44 -8.34 28.77
CA VAL C 332 -7.04 -8.55 28.48
C VAL C 332 -6.30 -8.25 29.79
N PRO C 333 -5.41 -9.15 30.23
CA PRO C 333 -4.68 -8.86 31.45
C PRO C 333 -3.79 -7.61 31.33
N ALA C 334 -3.68 -6.86 32.43
CA ALA C 334 -2.87 -5.64 32.49
C ALA C 334 -1.42 -5.83 32.10
N ALA C 335 -0.86 -6.98 32.42
CA ALA C 335 0.51 -7.29 32.03
C ALA C 335 0.69 -7.43 30.50
N ASN C 336 -0.42 -7.67 29.78
CA ASN C 336 -0.42 -7.86 28.34
C ASN C 336 -0.55 -6.57 27.50
N ILE C 337 -0.64 -5.42 28.17
CA ILE C 337 -0.92 -4.15 27.52
C ILE C 337 0.28 -3.24 27.76
N ILE C 338 1.10 -3.06 26.73
CA ILE C 338 2.36 -2.32 26.84
C ILE C 338 2.55 -1.40 25.63
N PRO C 339 2.51 -0.07 25.82
CA PRO C 339 2.24 0.68 27.07
C PRO C 339 0.75 0.69 27.42
N GLU C 340 0.44 1.13 28.64
CA GLU C 340 -0.96 1.35 29.06
C GLU C 340 -1.68 2.20 28.03
N VAL C 341 -2.89 1.82 27.71
CA VAL C 341 -3.72 2.57 26.81
C VAL C 341 -5.13 2.33 27.24
N GLY C 342 -5.92 3.38 27.25
CA GLY C 342 -7.32 3.24 27.59
C GLY C 342 -7.58 2.87 29.03
N THR C 343 -8.79 2.36 29.28
CA THR C 343 -9.19 1.92 30.59
C THR C 343 -9.44 0.42 30.54
N ARG C 344 -8.65 -0.29 31.31
CA ARG C 344 -8.71 -1.74 31.37
C ARG C 344 -9.84 -2.15 32.29
N LYS C 345 -10.55 -3.21 31.93
CA LYS C 345 -11.75 -3.63 32.67
C LYS C 345 -11.93 -5.15 32.55
N ASP C 346 -12.54 -5.77 33.56
CA ASP C 346 -12.89 -7.20 33.52
C ASP C 346 -14.39 -7.31 33.48
N ASP C 347 -14.90 -8.14 32.58
CA ASP C 347 -16.34 -8.35 32.43
C ASP C 347 -16.54 -9.59 31.57
N ALA C 348 -16.79 -10.70 32.26
CA ALA C 348 -16.97 -12.00 31.62
C ALA C 348 -18.29 -12.15 30.84
N THR C 349 -19.18 -11.17 30.87
CA THR C 349 -20.31 -11.17 29.93
C THR C 349 -19.91 -10.70 28.52
N GLN C 350 -18.70 -10.14 28.37
CA GLN C 350 -18.21 -9.68 27.08
C GLN C 350 -17.08 -10.51 26.60
N PRO C 351 -16.95 -10.65 25.27
CA PRO C 351 -17.87 -10.21 24.21
C PRO C 351 -19.03 -11.19 24.00
N ALA C 352 -20.22 -10.66 23.79
CA ALA C 352 -21.36 -11.50 23.39
C ALA C 352 -21.24 -11.80 21.90
N ALA C 353 -21.50 -13.05 21.53
CA ALA C 353 -21.67 -13.41 20.13
C ALA C 353 -22.76 -12.57 19.40
C1 GOL D . -5.50 29.73 1.69
O1 GOL D . -4.23 29.71 2.45
C2 GOL D . -5.33 29.43 0.19
O2 GOL D . -4.11 29.96 -0.16
C3 GOL D . -6.31 30.03 -0.86
O3 GOL D . -5.75 30.08 -2.22
C1 GOL E . 14.26 33.32 4.72
O1 GOL E . 13.97 32.56 3.54
C2 GOL E . 13.19 32.94 5.71
O2 GOL E . 13.31 31.55 5.88
C3 GOL E . 11.77 33.19 5.19
O3 GOL E . 10.88 33.15 6.29
C1 GOL F . 12.99 7.51 33.63
O1 GOL F . 12.29 6.49 32.85
C2 GOL F . 13.54 8.66 32.75
O2 GOL F . 14.89 8.40 32.35
C3 GOL F . 13.47 10.07 33.38
O3 GOL F . 13.73 11.06 32.36
HG MMC G . 12.40 14.26 4.97
C MMC G . 11.97 13.66 2.81
HG MMC H . -12.21 10.67 14.12
C MMC H . -13.68 12.42 13.54
HG MMC I . -11.16 26.73 -6.93
C MMC I . -11.89 25.39 -5.21
CL CL J . -3.13 12.90 10.15
CL CL K . 18.85 11.23 0.20
CL CL L . -12.15 29.05 -6.42
CL CL M . -17.47 11.75 -23.76
CL CL N . 15.90 -2.74 26.08
C1 GOL O . 21.71 -26.58 -8.00
O1 GOL O . 20.77 -27.33 -7.22
C2 GOL O . 23.03 -26.52 -7.26
O2 GOL O . 22.94 -27.40 -6.14
C3 GOL O . 23.36 -25.11 -6.79
O3 GOL O . 24.38 -25.13 -5.80
HG MMC P . 8.48 -17.49 1.06
C MMC P . 6.85 -16.87 -0.44
HG MMC Q . 1.17 -22.00 -0.17
C MMC Q . -0.72 -22.41 -1.55
HG MMC R . 20.94 -2.84 -20.89
C MMC R . 20.27 -1.10 -19.54
HG MMC S . 20.37 6.28 4.06
C MMC S . 21.38 6.86 2.01
CL CL T . 16.43 -3.21 2.08
CL CL U . 23.93 -2.38 -21.05
CL CL V . 3.04 9.95 -29.97
CL CL W . 29.01 -13.58 13.16
CL CL X . 2.96 -1.60 10.23
C1 GOL Y . -32.26 -6.22 12.00
O1 GOL Y . -33.12 -5.10 11.81
C2 GOL Y . -32.91 -7.44 11.38
O2 GOL Y . -33.78 -8.00 12.34
C3 GOL Y . -31.87 -8.48 11.01
O3 GOL Y . -32.39 -9.78 11.16
HG MMC Z . -16.19 0.58 11.19
C MMC Z . -15.91 1.48 9.10
HG MMC AA . -1.10 -20.65 5.80
C MMC AA . -1.93 -22.79 5.26
HG MMC BA . -21.06 -17.39 -11.47
C MMC BA . -18.96 -18.02 -10.70
CL CL CA . -7.58 -12.84 7.24
CL CL DA . -17.34 9.22 10.16
CL CL EA . -21.49 -20.14 -11.58
CL CL FA . 0.72 -0.37 2.19
#